data_1DWX
#
_entry.id   1DWX
#
_cell.length_a   212.980
_cell.length_b   212.980
_cell.length_c   114.200
_cell.angle_alpha   90.00
_cell.angle_beta   90.00
_cell.angle_gamma   120.00
#
_symmetry.space_group_name_H-M   'P 61 2 2'
#
loop_
_entity.id
_entity.type
_entity.pdbx_description
1 polymer 'NITRIC OXIDE SYNTHASE'
2 non-polymer 'PROTOPORPHYRIN IX CONTAINING FE'
3 non-polymer 5,6,7,8-TETRAHYDROBIOPTERIN
4 non-polymer 'SULFATE ION'
5 non-polymer N-OMEGA-HYDROXY-L-ARGININE
6 water water
#
_entity_poly.entity_id   1
_entity_poly.type   'polypeptide(L)'
_entity_poly.pdbx_seq_one_letter_code
;QYVRIKNWGSGEILHDTLHHKATSDFTCKSKSCLGSIMNPKSLTRGPRDKPTPLEELLPHAIEFINQYYGSFKEAKIEEH
LARLEAVTKEIETTGTYQLTLDELIFATKMAWRNAPRCIGRIQWSNLQVFDARNCSTAQEMFQHICRHILYATNNGNIRS
AITVFPQRSDGKHDFRLWNSQLIRYAGYQMPDGTIRGDAATLEFTQLCIDLGWKPRYGRFDVLPLVLQADGQDPEVFEIP
PDLVLEVTMEHPKYEWFQELGLKWYALPAVANMLLEVGGLEFPACPFNGWYMGTEIGVRDFCDTQRYNILEEVGRRMGLE
THTLASLWKDRAVTEINVAVLHSFQKQNVTIMDHHTASESFMKHMQNEYRARGGCPADWIWLVPPVSGSITPVFHQEMLN
YVLSPFYYYQIEPWKTHIWQ
;
_entity_poly.pdbx_strand_id   A,B
#
loop_
_chem_comp.id
_chem_comp.type
_chem_comp.name
_chem_comp.formula
H4B non-polymer 5,6,7,8-TETRAHYDROBIOPTERIN 'C9 H15 N5 O3'
HEM non-polymer 'PROTOPORPHYRIN IX CONTAINING FE' 'C34 H32 Fe N4 O4'
SO4 non-polymer 'SULFATE ION' 'O4 S -2'
#
# COMPACT_ATOMS: atom_id res chain seq x y z
N GLN A 1 -18.26 -28.05 11.43
CA GLN A 1 -17.84 -28.85 10.28
C GLN A 1 -16.43 -29.43 10.47
N TYR A 2 -15.50 -28.58 10.89
CA TYR A 2 -14.11 -28.98 11.14
C TYR A 2 -13.39 -27.87 11.91
N VAL A 3 -12.25 -28.18 12.52
CA VAL A 3 -11.50 -27.18 13.28
C VAL A 3 -10.20 -26.75 12.61
N ARG A 4 -10.00 -25.44 12.53
CA ARG A 4 -8.81 -24.85 11.93
C ARG A 4 -7.66 -24.79 12.93
N ILE A 5 -6.53 -25.37 12.56
CA ILE A 5 -5.35 -25.39 13.41
C ILE A 5 -4.20 -24.73 12.66
N LYS A 6 -3.50 -23.83 13.34
CA LYS A 6 -2.39 -23.16 12.72
C LYS A 6 -1.05 -23.39 13.41
N ASN A 7 0.00 -23.49 12.61
CA ASN A 7 1.33 -23.64 13.15
C ASN A 7 1.96 -22.27 13.02
N TRP A 8 2.08 -21.57 14.14
CA TRP A 8 2.64 -20.23 14.16
C TRP A 8 4.09 -20.10 13.74
N GLY A 9 4.74 -21.22 13.46
CA GLY A 9 6.13 -21.18 13.01
C GLY A 9 6.18 -21.03 11.50
N SER A 10 5.55 -21.98 10.82
CA SER A 10 5.49 -21.99 9.36
C SER A 10 4.28 -21.24 8.83
N GLY A 11 3.39 -20.87 9.75
CA GLY A 11 2.17 -20.16 9.37
C GLY A 11 1.19 -21.09 8.68
N GLU A 12 1.58 -22.36 8.57
CA GLU A 12 0.76 -23.38 7.91
C GLU A 12 -0.54 -23.66 8.67
N ILE A 13 -1.62 -23.79 7.93
CA ILE A 13 -2.93 -24.06 8.50
C ILE A 13 -3.40 -25.48 8.17
N LEU A 14 -4.04 -26.14 9.14
CA LEU A 14 -4.55 -27.49 9.00
C LEU A 14 -6.01 -27.60 9.42
N HIS A 15 -6.71 -28.58 8.87
CA HIS A 15 -8.11 -28.78 9.19
C HIS A 15 -8.35 -30.12 9.87
N ASP A 16 -8.72 -30.09 11.15
CA ASP A 16 -8.96 -31.31 11.91
C ASP A 16 -10.38 -31.85 11.72
N THR A 17 -10.47 -33.04 11.12
CA THR A 17 -11.75 -33.71 10.85
C THR A 17 -11.98 -34.83 11.88
N LEU A 18 -10.89 -35.43 12.36
CA LEU A 18 -10.90 -36.52 13.33
C LEU A 18 -11.69 -36.34 14.62
N HIS A 19 -11.58 -35.17 15.23
CA HIS A 19 -12.27 -34.89 16.50
C HIS A 19 -13.72 -35.35 16.57
N HIS A 20 -14.36 -35.52 15.42
CA HIS A 20 -15.75 -35.96 15.35
C HIS A 20 -15.90 -37.39 15.82
N LYS A 21 -14.85 -38.18 15.61
CA LYS A 21 -14.84 -39.58 15.99
C LYS A 21 -14.49 -39.77 17.48
N ALA A 22 -14.40 -38.66 18.21
CA ALA A 22 -14.07 -38.69 19.64
C ALA A 22 -15.15 -39.34 20.51
N THR A 23 -14.75 -39.73 21.73
CA THR A 23 -15.62 -40.40 22.69
C THR A 23 -16.56 -39.43 23.45
N SER A 24 -16.91 -39.78 24.69
CA SER A 24 -17.79 -38.98 25.55
C SER A 24 -17.15 -37.62 25.85
N ASP A 25 -16.74 -37.43 27.11
CA ASP A 25 -16.11 -36.20 27.57
C ASP A 25 -14.60 -36.34 27.35
N SER A 32 -13.21 -32.44 23.85
CA SER A 32 -12.06 -31.88 23.15
C SER A 32 -11.56 -30.58 23.79
N CYS A 33 -10.30 -30.58 24.24
CA CYS A 33 -9.69 -29.38 24.77
C CYS A 33 -8.85 -28.71 23.68
N LEU A 34 -9.15 -27.40 23.59
CA LEU A 34 -8.62 -26.41 22.69
C LEU A 34 -7.59 -25.51 23.39
N GLY A 35 -7.15 -25.91 24.59
CA GLY A 35 -6.17 -25.15 25.36
C GLY A 35 -4.96 -24.68 24.57
N SER A 36 -4.51 -25.51 23.62
CA SER A 36 -3.37 -25.22 22.77
C SER A 36 -3.59 -24.07 21.76
N ILE A 37 -4.86 -23.70 21.53
CA ILE A 37 -5.18 -22.62 20.58
C ILE A 37 -4.82 -21.23 21.11
N MET A 38 -4.18 -20.46 20.24
CA MET A 38 -3.72 -19.11 20.56
C MET A 38 -4.83 -18.10 20.77
N ASN A 39 -5.62 -17.87 19.72
CA ASN A 39 -6.71 -16.90 19.76
C ASN A 39 -8.09 -17.55 19.63
N PRO A 40 -8.58 -18.18 20.70
CA PRO A 40 -9.90 -18.80 20.62
C PRO A 40 -10.97 -17.72 20.76
N LYS A 41 -12.15 -17.97 20.19
CA LYS A 41 -13.25 -17.01 20.28
C LYS A 41 -13.63 -16.73 21.74
N SER A 42 -13.38 -17.72 22.60
CA SER A 42 -13.67 -17.61 24.03
C SER A 42 -12.80 -16.58 24.75
N LEU A 43 -11.69 -16.21 24.12
CA LEU A 43 -10.76 -15.24 24.69
C LEU A 43 -10.78 -13.93 23.87
N THR A 44 -11.75 -13.83 22.98
CA THR A 44 -11.91 -12.66 22.12
C THR A 44 -13.25 -11.97 22.36
N ARG A 45 -13.23 -10.63 22.35
CA ARG A 45 -14.43 -9.84 22.50
C ARG A 45 -14.51 -8.91 21.27
N GLY A 46 -15.35 -9.29 20.31
CA GLY A 46 -15.49 -8.52 19.06
C GLY A 46 -16.26 -7.21 19.04
N PRO A 47 -16.50 -6.67 17.82
CA PRO A 47 -17.20 -5.44 17.45
C PRO A 47 -18.71 -5.47 17.71
N ARG A 48 -19.37 -4.34 17.41
CA ARG A 48 -20.82 -4.18 17.61
C ARG A 48 -21.39 -3.02 16.80
N ASP A 49 -22.73 -2.94 16.77
CA ASP A 49 -23.45 -1.90 16.05
C ASP A 49 -24.42 -1.18 16.97
N LYS A 50 -24.93 -1.91 17.93
CA LYS A 50 -25.89 -1.36 18.88
C LYS A 50 -25.31 -1.49 20.28
N PRO A 51 -25.67 -0.57 21.18
CA PRO A 51 -25.21 -0.57 22.58
C PRO A 51 -25.56 -1.86 23.30
N THR A 52 -24.96 -2.06 24.47
CA THR A 52 -25.23 -3.26 25.26
C THR A 52 -26.67 -3.25 25.75
N PRO A 53 -27.46 -4.27 25.37
CA PRO A 53 -28.86 -4.36 25.82
C PRO A 53 -28.94 -4.20 27.33
N LEU A 54 -29.85 -3.33 27.77
CA LEU A 54 -30.07 -3.02 29.19
C LEU A 54 -30.19 -4.24 30.11
N GLU A 55 -30.94 -5.26 29.67
CA GLU A 55 -31.17 -6.46 30.46
C GLU A 55 -29.88 -7.21 30.79
N GLU A 56 -28.86 -7.00 29.97
CA GLU A 56 -27.57 -7.64 30.15
C GLU A 56 -26.65 -6.74 30.97
N LEU A 57 -26.65 -5.45 30.64
CA LEU A 57 -25.82 -4.47 31.31
C LEU A 57 -26.11 -4.34 32.80
N LEU A 58 -27.39 -4.23 33.15
CA LEU A 58 -27.78 -4.07 34.55
C LEU A 58 -27.29 -5.15 35.51
N PRO A 59 -27.52 -6.44 35.21
CA PRO A 59 -27.05 -7.50 36.12
C PRO A 59 -25.54 -7.43 36.29
N HIS A 60 -24.82 -7.27 35.19
CA HIS A 60 -23.36 -7.19 35.19
C HIS A 60 -22.89 -6.01 36.04
N ALA A 61 -23.54 -4.87 35.86
CA ALA A 61 -23.22 -3.68 36.61
C ALA A 61 -23.43 -3.95 38.11
N ILE A 62 -24.62 -4.44 38.45
CA ILE A 62 -24.97 -4.74 39.85
C ILE A 62 -23.97 -5.72 40.45
N GLU A 63 -23.60 -6.76 39.69
CA GLU A 63 -22.64 -7.75 40.16
C GLU A 63 -21.27 -7.12 40.41
N PHE A 64 -20.84 -6.26 39.49
CA PHE A 64 -19.55 -5.60 39.63
C PHE A 64 -19.55 -4.71 40.86
N ILE A 65 -20.59 -3.92 41.03
CA ILE A 65 -20.69 -3.02 42.17
C ILE A 65 -20.72 -3.77 43.50
N ASN A 66 -21.28 -4.98 43.49
CA ASN A 66 -21.34 -5.81 44.69
C ASN A 66 -19.97 -6.40 44.99
N GLN A 67 -19.19 -6.60 43.93
CA GLN A 67 -17.83 -7.12 44.03
C GLN A 67 -16.94 -6.06 44.67
N TYR A 68 -16.99 -4.85 44.11
CA TYR A 68 -16.22 -3.69 44.56
C TYR A 68 -16.46 -3.37 46.02
N TYR A 69 -17.73 -3.19 46.39
CA TYR A 69 -18.07 -2.87 47.77
C TYR A 69 -17.84 -4.03 48.73
N GLY A 70 -17.88 -5.24 48.20
CA GLY A 70 -17.63 -6.42 49.02
C GLY A 70 -16.12 -6.62 49.15
N SER A 71 -15.34 -5.66 48.65
CA SER A 71 -13.89 -5.72 48.67
C SER A 71 -13.18 -5.20 49.91
N PHE A 72 -13.36 -3.92 50.22
CA PHE A 72 -12.69 -3.30 51.37
C PHE A 72 -12.89 -4.12 52.65
N LYS A 73 -12.26 -3.67 53.74
CA LYS A 73 -12.38 -4.38 55.02
C LYS A 73 -13.70 -4.20 55.78
N GLU A 74 -14.15 -2.94 55.98
CA GLU A 74 -15.41 -2.64 56.67
C GLU A 74 -16.40 -1.89 55.77
N ALA A 75 -17.05 -2.66 54.90
CA ALA A 75 -18.08 -2.22 53.96
C ALA A 75 -18.82 -0.93 54.31
N LYS A 76 -19.03 -0.11 53.29
CA LYS A 76 -19.74 1.16 53.39
C LYS A 76 -21.10 0.82 52.76
N ILE A 77 -21.86 0.02 53.50
CA ILE A 77 -23.18 -0.47 53.08
C ILE A 77 -24.07 0.60 52.49
N GLU A 78 -24.19 1.72 53.20
CA GLU A 78 -25.00 2.84 52.75
C GLU A 78 -24.55 3.33 51.38
N GLU A 79 -23.23 3.43 51.20
CA GLU A 79 -22.66 3.87 49.93
C GLU A 79 -22.85 2.79 48.88
N HIS A 80 -22.73 1.54 49.32
CA HIS A 80 -22.89 0.37 48.47
C HIS A 80 -24.31 0.42 47.88
N LEU A 81 -25.29 0.54 48.76
CA LEU A 81 -26.69 0.63 48.37
C LEU A 81 -26.90 1.88 47.52
N ALA A 82 -26.27 2.97 47.94
CA ALA A 82 -26.37 4.24 47.21
C ALA A 82 -25.80 4.11 45.80
N ARG A 83 -24.64 3.46 45.68
CA ARG A 83 -24.00 3.29 44.38
C ARG A 83 -24.86 2.42 43.47
N LEU A 84 -25.38 1.33 44.02
CA LEU A 84 -26.23 0.42 43.27
C LEU A 84 -27.40 1.21 42.68
N GLU A 85 -28.03 2.00 43.54
CA GLU A 85 -29.16 2.83 43.19
C GLU A 85 -28.80 3.87 42.13
N ALA A 86 -27.72 4.61 42.36
CA ALA A 86 -27.25 5.65 41.44
C ALA A 86 -26.86 5.10 40.08
N VAL A 87 -26.29 3.90 40.08
CA VAL A 87 -25.86 3.26 38.85
C VAL A 87 -27.07 2.81 38.06
N THR A 88 -28.03 2.21 38.76
CA THR A 88 -29.25 1.73 38.14
C THR A 88 -29.95 2.90 37.47
N LYS A 89 -30.06 4.00 38.19
CA LYS A 89 -30.69 5.21 37.70
C LYS A 89 -29.94 5.72 36.48
N GLU A 90 -28.63 5.84 36.61
CA GLU A 90 -27.78 6.30 35.52
C GLU A 90 -27.89 5.41 34.29
N ILE A 91 -28.09 4.12 34.52
CA ILE A 91 -28.23 3.17 33.42
C ILE A 91 -29.55 3.40 32.69
N GLU A 92 -30.65 3.43 33.44
CA GLU A 92 -31.96 3.64 32.83
C GLU A 92 -32.13 5.05 32.25
N THR A 93 -31.22 5.95 32.62
CA THR A 93 -31.28 7.33 32.13
C THR A 93 -30.44 7.58 30.88
N THR A 94 -29.29 6.92 30.78
CA THR A 94 -28.39 7.12 29.64
C THR A 94 -28.11 5.87 28.82
N GLY A 95 -28.50 4.72 29.37
CA GLY A 95 -28.25 3.45 28.68
C GLY A 95 -27.04 2.83 29.35
N THR A 96 -25.92 3.52 29.26
CA THR A 96 -24.67 3.06 29.85
C THR A 96 -24.47 3.77 31.19
N TYR A 97 -23.31 3.57 31.81
CA TYR A 97 -22.99 4.24 33.05
C TYR A 97 -21.49 4.46 33.13
N GLN A 98 -21.06 5.31 34.05
CA GLN A 98 -19.65 5.61 34.23
C GLN A 98 -19.11 5.10 35.55
N LEU A 99 -17.93 4.49 35.50
CA LEU A 99 -17.30 3.98 36.71
C LEU A 99 -16.60 5.12 37.42
N THR A 100 -16.61 5.09 38.75
CA THR A 100 -15.91 6.12 39.51
C THR A 100 -14.44 5.78 39.30
N LEU A 101 -13.55 6.72 39.56
CA LEU A 101 -12.13 6.46 39.39
C LEU A 101 -11.69 5.26 40.25
N ASP A 102 -12.13 5.24 41.50
CA ASP A 102 -11.76 4.17 42.41
C ASP A 102 -12.24 2.79 41.95
N GLU A 103 -13.38 2.75 41.26
CA GLU A 103 -13.90 1.48 40.77
C GLU A 103 -13.07 1.04 39.57
N LEU A 104 -12.72 2.00 38.72
CA LEU A 104 -11.91 1.72 37.54
C LEU A 104 -10.57 1.15 37.98
N ILE A 105 -9.95 1.77 38.99
CA ILE A 105 -8.67 1.34 39.54
C ILE A 105 -8.80 -0.12 39.94
N PHE A 106 -9.85 -0.40 40.70
CA PHE A 106 -10.15 -1.74 41.18
C PHE A 106 -10.34 -2.67 39.99
N ALA A 107 -11.10 -2.20 39.00
CA ALA A 107 -11.37 -2.98 37.80
C ALA A 107 -10.08 -3.44 37.11
N THR A 108 -9.21 -2.48 36.78
CA THR A 108 -7.96 -2.79 36.09
C THR A 108 -7.11 -3.81 36.82
N LYS A 109 -6.95 -3.63 38.13
CA LYS A 109 -6.16 -4.55 38.93
C LYS A 109 -6.79 -5.95 38.90
N MET A 110 -8.10 -6.00 39.07
CA MET A 110 -8.82 -7.27 39.07
C MET A 110 -8.78 -7.97 37.72
N ALA A 111 -8.87 -7.20 36.64
CA ALA A 111 -8.84 -7.75 35.31
C ALA A 111 -7.46 -8.36 35.07
N TRP A 112 -6.44 -7.73 35.66
CA TRP A 112 -5.06 -8.20 35.55
C TRP A 112 -4.96 -9.46 36.41
N ARG A 113 -5.48 -9.33 37.62
CA ARG A 113 -5.50 -10.42 38.58
C ARG A 113 -6.17 -11.65 37.94
N ASN A 114 -7.14 -11.43 37.06
CA ASN A 114 -7.85 -12.52 36.38
C ASN A 114 -7.27 -12.89 35.02
N ALA A 115 -6.08 -12.39 34.71
CA ALA A 115 -5.43 -12.69 33.42
C ALA A 115 -4.69 -14.02 33.53
N PRO A 116 -5.33 -15.11 33.11
CA PRO A 116 -4.78 -16.48 33.16
C PRO A 116 -3.42 -16.70 32.49
N ARG A 117 -3.04 -15.81 31.58
CA ARG A 117 -1.77 -15.96 30.86
C ARG A 117 -0.61 -15.08 31.37
N CYS A 118 -0.85 -14.32 32.45
CA CYS A 118 0.18 -13.44 33.03
C CYS A 118 0.84 -14.09 34.24
N ILE A 119 2.16 -14.03 34.28
CA ILE A 119 2.94 -14.62 35.36
C ILE A 119 3.35 -13.59 36.42
N GLY A 120 3.28 -12.31 36.07
CA GLY A 120 3.66 -11.27 37.02
C GLY A 120 2.56 -10.81 37.95
N ARG A 121 1.43 -11.53 37.93
CA ARG A 121 0.27 -11.17 38.75
C ARG A 121 0.45 -10.99 40.25
N ILE A 122 1.64 -11.26 40.79
CA ILE A 122 1.87 -11.07 42.21
C ILE A 122 2.04 -9.58 42.46
N GLN A 123 2.18 -8.84 41.37
CA GLN A 123 2.33 -7.39 41.37
C GLN A 123 0.99 -6.69 41.11
N TRP A 124 -0.08 -7.48 41.03
CA TRP A 124 -1.42 -6.98 40.73
C TRP A 124 -1.90 -5.74 41.49
N SER A 125 -1.53 -5.61 42.77
CA SER A 125 -1.95 -4.47 43.56
C SER A 125 -1.11 -3.20 43.29
N ASN A 126 -0.01 -3.35 42.55
CA ASN A 126 0.88 -2.23 42.21
C ASN A 126 0.71 -1.87 40.74
N LEU A 127 -0.24 -1.00 40.44
CA LEU A 127 -0.53 -0.58 39.08
C LEU A 127 -1.00 0.87 39.04
N GLN A 128 -0.41 1.65 38.14
CA GLN A 128 -0.78 3.06 37.98
C GLN A 128 -1.88 3.17 36.93
N VAL A 129 -2.97 3.84 37.30
CA VAL A 129 -4.09 3.99 36.39
C VAL A 129 -4.23 5.39 35.79
N PHE A 130 -4.15 5.46 34.46
CA PHE A 130 -4.29 6.72 33.75
C PHE A 130 -5.68 6.83 33.12
N ASP A 131 -6.48 7.75 33.68
CA ASP A 131 -7.85 8.01 33.25
C ASP A 131 -7.93 8.90 32.00
N ALA A 132 -8.06 8.26 30.83
CA ALA A 132 -8.16 8.96 29.56
C ALA A 132 -9.56 8.81 28.98
N ARG A 133 -10.53 8.58 29.85
CA ARG A 133 -11.92 8.40 29.45
C ARG A 133 -12.60 9.66 28.88
N ASN A 134 -11.97 10.81 29.09
CA ASN A 134 -12.50 12.08 28.59
C ASN A 134 -11.89 12.44 27.23
N CYS A 135 -10.95 11.63 26.76
CA CYS A 135 -10.26 11.83 25.50
C CYS A 135 -11.26 11.79 24.33
N SER A 136 -10.99 12.55 23.26
CA SER A 136 -11.89 12.59 22.11
C SER A 136 -11.24 12.72 20.74
N THR A 137 -9.94 12.97 20.71
CA THR A 137 -9.23 13.09 19.42
C THR A 137 -8.00 12.20 19.37
N ALA A 138 -7.57 11.91 18.13
CA ALA A 138 -6.41 11.07 17.91
C ALA A 138 -5.17 11.73 18.51
N GLN A 139 -5.01 13.02 18.22
CA GLN A 139 -3.87 13.78 18.75
C GLN A 139 -3.85 13.67 20.28
N GLU A 140 -5.02 13.64 20.88
CA GLU A 140 -5.17 13.54 22.33
C GLU A 140 -4.76 12.16 22.83
N MET A 141 -5.09 11.13 22.07
CA MET A 141 -4.72 9.75 22.43
C MET A 141 -3.20 9.70 22.47
N PHE A 142 -2.60 10.15 21.37
CA PHE A 142 -1.16 10.20 21.18
C PHE A 142 -0.44 10.85 22.37
N GLN A 143 -1.02 11.92 22.90
CA GLN A 143 -0.41 12.60 24.03
C GLN A 143 -0.53 11.77 25.30
N HIS A 144 -1.68 11.13 25.46
CA HIS A 144 -1.92 10.26 26.62
C HIS A 144 -0.96 9.10 26.57
N ILE A 145 -0.75 8.56 25.36
CA ILE A 145 0.15 7.44 25.13
C ILE A 145 1.59 7.83 25.48
N CYS A 146 2.01 9.01 25.05
CA CYS A 146 3.35 9.49 25.34
C CYS A 146 3.55 9.61 26.85
N ARG A 147 2.55 10.17 27.54
CA ARG A 147 2.62 10.33 29.00
C ARG A 147 2.79 8.96 29.64
N HIS A 148 2.13 7.96 29.05
CA HIS A 148 2.19 6.59 29.53
C HIS A 148 3.60 6.05 29.36
N ILE A 149 4.07 6.07 28.12
CA ILE A 149 5.40 5.60 27.78
C ILE A 149 6.45 6.25 28.67
N LEU A 150 6.31 7.56 28.87
CA LEU A 150 7.25 8.30 29.71
C LEU A 150 7.23 7.80 31.14
N TYR A 151 6.03 7.76 31.74
CA TYR A 151 5.86 7.32 33.13
C TYR A 151 6.29 5.88 33.35
N ALA A 152 5.81 4.99 32.49
CA ALA A 152 6.11 3.56 32.57
C ALA A 152 7.62 3.33 32.55
N THR A 153 8.27 3.90 31.55
CA THR A 153 9.72 3.78 31.37
C THR A 153 10.56 4.21 32.56
N ASN A 154 10.27 5.39 33.12
CA ASN A 154 10.97 5.90 34.29
C ASN A 154 12.51 5.75 34.22
N ASN A 155 13.04 5.89 33.00
CA ASN A 155 14.47 5.76 32.73
C ASN A 155 15.05 4.46 33.32
N GLY A 156 14.44 3.34 32.91
CA GLY A 156 14.90 2.04 33.38
C GLY A 156 14.10 1.38 34.49
N ASN A 157 13.85 2.10 35.58
CA ASN A 157 13.10 1.54 36.71
C ASN A 157 11.62 1.44 36.34
N ILE A 158 11.33 0.60 35.35
CA ILE A 158 9.98 0.37 34.82
C ILE A 158 8.86 0.30 35.85
N ARG A 159 7.74 0.93 35.51
CA ARG A 159 6.57 0.95 36.38
C ARG A 159 5.34 0.40 35.66
N SER A 160 4.59 -0.45 36.36
CA SER A 160 3.37 -1.03 35.81
C SER A 160 2.36 0.10 35.70
N ALA A 161 1.71 0.21 34.56
CA ALA A 161 0.72 1.26 34.36
C ALA A 161 -0.24 0.93 33.24
N ILE A 162 -1.43 1.54 33.30
CA ILE A 162 -2.43 1.32 32.26
C ILE A 162 -3.17 2.62 31.92
N THR A 163 -3.38 2.85 30.63
CA THR A 163 -4.09 4.04 30.18
C THR A 163 -5.45 3.64 29.61
N VAL A 164 -6.49 3.95 30.37
CA VAL A 164 -7.86 3.62 29.99
C VAL A 164 -8.51 4.71 29.16
N PHE A 165 -8.84 4.39 27.92
CA PHE A 165 -9.48 5.34 27.03
C PHE A 165 -11.00 5.20 27.11
N PRO A 166 -11.76 6.09 26.44
CA PRO A 166 -13.23 6.04 26.45
C PRO A 166 -13.85 4.68 26.12
N GLN A 167 -14.81 4.26 26.95
CA GLN A 167 -15.51 3.00 26.81
C GLN A 167 -16.33 2.91 25.52
N ARG A 168 -16.69 1.70 25.14
CA ARG A 168 -17.50 1.48 23.94
C ARG A 168 -18.92 1.97 24.19
N SER A 169 -19.44 2.77 23.26
CA SER A 169 -20.79 3.31 23.37
C SER A 169 -21.78 2.52 22.53
N ASP A 170 -21.95 2.91 21.27
CA ASP A 170 -22.88 2.23 20.37
C ASP A 170 -22.19 1.09 19.61
N GLY A 171 -20.86 1.09 19.61
CA GLY A 171 -20.12 0.06 18.92
C GLY A 171 -19.50 0.55 17.63
N LYS A 172 -19.82 1.78 17.22
CA LYS A 172 -19.26 2.32 16.00
C LYS A 172 -18.46 3.60 16.26
N HIS A 173 -18.17 3.84 17.53
CA HIS A 173 -17.41 5.01 17.98
C HIS A 173 -16.28 4.51 18.89
N ASP A 174 -15.60 3.46 18.45
CA ASP A 174 -14.53 2.86 19.22
C ASP A 174 -13.16 3.51 19.12
N PHE A 175 -12.49 3.64 20.26
CA PHE A 175 -11.14 4.15 20.32
C PHE A 175 -10.30 2.88 20.24
N ARG A 176 -9.42 2.80 19.25
CA ARG A 176 -8.58 1.60 19.07
C ARG A 176 -7.16 1.93 18.66
N LEU A 177 -6.20 1.18 19.21
CA LEU A 177 -4.80 1.32 18.84
C LEU A 177 -4.60 0.14 17.90
N TRP A 178 -4.13 0.41 16.70
CA TRP A 178 -3.94 -0.65 15.72
C TRP A 178 -2.64 -1.44 15.91
N ASN A 179 -1.83 -1.03 16.88
CA ASN A 179 -0.55 -1.67 17.16
C ASN A 179 -0.70 -2.88 18.08
N SER A 180 0.23 -3.83 17.95
CA SER A 180 0.25 -5.04 18.77
C SER A 180 0.54 -4.53 20.17
N GLN A 181 1.56 -3.68 20.24
CA GLN A 181 1.99 -3.06 21.48
C GLN A 181 2.54 -1.66 21.18
N LEU A 182 2.63 -0.83 22.23
CA LEU A 182 3.12 0.54 22.09
C LEU A 182 4.40 0.61 21.25
N ILE A 183 5.49 0.05 21.77
CA ILE A 183 6.75 0.03 21.04
C ILE A 183 6.86 -1.33 20.37
N ARG A 184 7.23 -1.35 19.10
CA ARG A 184 7.33 -2.60 18.35
C ARG A 184 8.08 -2.32 17.04
N TYR A 185 9.15 -3.05 16.78
CA TYR A 185 9.94 -2.85 15.58
C TYR A 185 9.17 -3.21 14.33
N ALA A 186 9.61 -2.66 13.20
CA ALA A 186 8.99 -2.91 11.91
C ALA A 186 9.63 -4.08 11.18
N GLY A 187 8.92 -4.60 10.20
CA GLY A 187 9.41 -5.71 9.42
C GLY A 187 9.11 -5.48 7.95
N TYR A 188 10.15 -5.57 7.12
CA TYR A 188 9.99 -5.35 5.70
C TYR A 188 10.53 -6.55 4.92
N GLN A 189 9.88 -6.88 3.82
CA GLN A 189 10.36 -7.98 2.98
C GLN A 189 11.24 -7.38 1.88
N MET A 190 12.55 -7.34 2.15
CA MET A 190 13.52 -6.77 1.23
C MET A 190 13.61 -7.43 -0.15
N PRO A 191 14.14 -6.70 -1.15
CA PRO A 191 14.31 -7.14 -2.55
C PRO A 191 14.99 -8.48 -2.77
N ASP A 192 16.04 -8.75 -2.00
CA ASP A 192 16.81 -9.99 -2.10
C ASP A 192 16.19 -11.25 -1.48
N GLY A 193 14.86 -11.26 -1.35
CA GLY A 193 14.17 -12.41 -0.78
C GLY A 193 14.12 -12.47 0.73
N THR A 194 15.08 -11.81 1.39
CA THR A 194 15.17 -11.80 2.85
C THR A 194 14.06 -11.00 3.54
N ILE A 195 14.23 -10.78 4.83
CA ILE A 195 13.27 -10.05 5.67
C ILE A 195 14.07 -9.38 6.79
N ARG A 196 14.02 -8.06 6.88
CA ARG A 196 14.74 -7.34 7.93
C ARG A 196 13.85 -6.83 9.05
N GLY A 197 14.36 -6.89 10.28
CA GLY A 197 13.60 -6.45 11.45
C GLY A 197 12.79 -7.54 12.13
N ASP A 198 11.58 -7.19 12.58
CA ASP A 198 10.67 -8.12 13.24
C ASP A 198 9.67 -8.63 12.22
N ALA A 199 9.88 -9.87 11.76
CA ALA A 199 9.03 -10.50 10.75
C ALA A 199 7.57 -10.64 11.14
N ALA A 200 7.28 -10.43 12.43
CA ALA A 200 5.92 -10.54 12.94
C ALA A 200 5.06 -9.32 12.63
N THR A 201 5.70 -8.16 12.45
CA THR A 201 5.00 -6.92 12.17
C THR A 201 4.99 -6.59 10.67
N LEU A 202 5.13 -7.61 9.83
CA LEU A 202 5.13 -7.43 8.39
C LEU A 202 3.86 -6.79 7.83
N GLU A 203 2.75 -7.51 7.97
CA GLU A 203 1.45 -7.05 7.49
C GLU A 203 1.12 -5.68 8.07
N PHE A 204 1.46 -5.46 9.33
CA PHE A 204 1.20 -4.19 9.98
C PHE A 204 2.07 -3.08 9.42
N THR A 205 3.36 -3.37 9.22
CA THR A 205 4.29 -2.39 8.68
C THR A 205 3.79 -1.92 7.32
N GLN A 206 3.33 -2.86 6.50
CA GLN A 206 2.80 -2.52 5.18
C GLN A 206 1.63 -1.58 5.36
N LEU A 207 0.81 -1.83 6.39
CA LEU A 207 -0.36 -0.99 6.69
C LEU A 207 0.07 0.44 6.96
N CYS A 208 1.16 0.60 7.71
CA CYS A 208 1.67 1.92 8.03
C CYS A 208 2.19 2.58 6.74
N ILE A 209 2.82 1.80 5.87
CA ILE A 209 3.35 2.29 4.60
C ILE A 209 2.24 2.85 3.71
N ASP A 210 1.10 2.16 3.68
CA ASP A 210 -0.04 2.58 2.88
C ASP A 210 -0.68 3.85 3.42
N LEU A 211 -0.51 4.08 4.72
CA LEU A 211 -1.05 5.28 5.37
C LEU A 211 0.00 6.39 5.36
N GLY A 212 0.97 6.27 4.45
CA GLY A 212 2.01 7.28 4.31
C GLY A 212 3.14 7.26 5.31
N TRP A 213 3.51 6.08 5.83
CA TRP A 213 4.62 6.02 6.77
C TRP A 213 5.92 5.91 5.98
N LYS A 214 6.95 6.51 6.55
CA LYS A 214 8.28 6.58 5.99
C LYS A 214 9.16 5.39 6.42
N PRO A 215 9.24 4.34 5.57
CA PRO A 215 10.03 3.14 5.86
C PRO A 215 11.53 3.40 5.99
N ARG A 216 12.04 3.39 7.22
CA ARG A 216 13.45 3.64 7.50
C ARG A 216 14.33 2.37 7.30
N TYR A 217 13.74 1.37 6.64
CA TYR A 217 14.38 0.07 6.32
C TYR A 217 15.55 -0.41 7.18
N GLY A 218 15.23 -0.86 8.40
CA GLY A 218 16.25 -1.35 9.32
C GLY A 218 15.75 -2.52 10.15
N ARG A 219 16.62 -3.05 11.00
CA ARG A 219 16.26 -4.19 11.84
C ARG A 219 15.51 -3.79 13.10
N PHE A 220 15.77 -2.58 13.59
CA PHE A 220 15.13 -2.10 14.79
C PHE A 220 14.42 -0.76 14.61
N ASP A 221 13.52 -0.68 13.63
CA ASP A 221 12.79 0.55 13.40
C ASP A 221 11.47 0.58 14.12
N VAL A 222 11.41 1.36 15.20
CA VAL A 222 10.20 1.50 15.99
C VAL A 222 9.04 1.94 15.10
N LEU A 223 7.98 1.13 15.08
CA LEU A 223 6.80 1.40 14.29
C LEU A 223 6.01 2.59 14.81
N PRO A 224 5.20 3.22 13.93
CA PRO A 224 4.39 4.38 14.30
C PRO A 224 3.15 3.95 15.07
N LEU A 225 2.60 4.89 15.83
CA LEU A 225 1.40 4.67 16.60
C LEU A 225 0.23 4.92 15.64
N VAL A 226 -0.59 3.90 15.40
CA VAL A 226 -1.74 4.03 14.52
C VAL A 226 -2.97 4.09 15.42
N LEU A 227 -3.49 5.29 15.61
CA LEU A 227 -4.63 5.51 16.48
C LEU A 227 -5.94 5.86 15.79
N GLN A 228 -7.06 5.38 16.33
CA GLN A 228 -8.37 5.70 15.76
C GLN A 228 -9.26 6.22 16.88
N ALA A 229 -9.74 7.44 16.74
CA ALA A 229 -10.59 8.02 17.78
C ALA A 229 -12.03 8.17 17.40
N ASP A 230 -12.93 7.71 18.27
CA ASP A 230 -14.38 7.87 18.08
C ASP A 230 -15.01 7.37 16.75
N GLY A 231 -14.30 6.40 16.19
CA GLY A 231 -14.63 5.78 14.92
C GLY A 231 -14.10 6.42 13.65
N GLN A 232 -13.36 7.52 13.77
CA GLN A 232 -12.79 8.15 12.58
C GLN A 232 -11.56 7.31 12.23
N ASP A 233 -11.27 7.26 10.94
CA ASP A 233 -10.12 6.51 10.43
C ASP A 233 -8.86 6.73 11.23
N PRO A 234 -7.93 5.77 11.22
CA PRO A 234 -6.68 5.89 11.96
C PRO A 234 -5.70 6.96 11.43
N GLU A 235 -5.15 7.72 12.37
CA GLU A 235 -4.16 8.75 12.06
C GLU A 235 -2.81 8.19 12.52
N VAL A 236 -1.80 8.35 11.67
CA VAL A 236 -0.45 7.85 11.96
C VAL A 236 0.39 8.88 12.72
N PHE A 237 0.91 8.49 13.87
CA PHE A 237 1.76 9.36 14.68
C PHE A 237 3.05 8.61 14.97
N GLU A 238 4.19 9.28 14.81
CA GLU A 238 5.46 8.65 15.07
C GLU A 238 5.83 8.90 16.53
N ILE A 239 6.40 7.90 17.19
CA ILE A 239 6.78 8.04 18.59
C ILE A 239 8.13 8.73 18.73
N PRO A 240 8.18 9.77 19.57
CA PRO A 240 9.40 10.55 19.82
C PRO A 240 10.49 9.65 20.39
N PRO A 241 11.56 9.42 19.61
CA PRO A 241 12.72 8.60 19.96
C PRO A 241 13.28 8.81 21.35
N ASP A 242 13.11 10.00 21.91
CA ASP A 242 13.61 10.28 23.26
C ASP A 242 12.85 9.45 24.27
N LEU A 243 11.61 9.10 23.93
CA LEU A 243 10.74 8.30 24.80
C LEU A 243 11.01 6.81 24.73
N VAL A 244 11.35 6.32 23.55
CA VAL A 244 11.65 4.91 23.29
C VAL A 244 13.02 4.48 23.83
N LEU A 245 13.04 3.96 25.06
CA LEU A 245 14.26 3.48 25.71
C LEU A 245 14.58 2.07 25.24
N GLU A 246 15.85 1.84 24.90
CA GLU A 246 16.27 0.52 24.42
C GLU A 246 17.48 -0.02 25.18
N VAL A 247 17.73 -1.32 25.02
CA VAL A 247 18.86 -1.98 25.66
C VAL A 247 19.67 -2.72 24.60
N THR A 248 20.92 -2.28 24.42
CA THR A 248 21.81 -2.90 23.46
C THR A 248 22.33 -4.19 24.07
N MET A 249 22.17 -5.30 23.36
CA MET A 249 22.61 -6.59 23.87
C MET A 249 24.12 -6.79 23.88
N GLU A 250 24.61 -7.35 24.98
CA GLU A 250 26.03 -7.64 25.15
C GLU A 250 26.27 -8.70 26.24
N HIS A 251 26.93 -9.79 25.82
CA HIS A 251 27.26 -10.90 26.70
C HIS A 251 28.43 -10.57 27.63
N PRO A 252 28.33 -10.94 28.91
CA PRO A 252 29.38 -10.67 29.90
C PRO A 252 30.69 -11.41 29.67
N LYS A 253 30.70 -12.35 28.73
CA LYS A 253 31.91 -13.12 28.44
C LYS A 253 32.28 -13.04 26.96
N TYR A 254 31.34 -13.39 26.09
CA TYR A 254 31.58 -13.35 24.66
C TYR A 254 31.50 -11.91 24.18
N GLU A 255 32.65 -11.26 24.08
CA GLU A 255 32.72 -9.86 23.64
C GLU A 255 32.31 -9.68 22.18
N TRP A 256 32.18 -10.79 21.46
CA TRP A 256 31.76 -10.76 20.06
C TRP A 256 30.25 -10.68 19.94
N PHE A 257 29.56 -10.77 21.08
CA PHE A 257 28.09 -10.72 21.10
C PHE A 257 27.55 -9.38 20.67
N GLN A 258 28.15 -8.30 21.16
CA GLN A 258 27.70 -6.97 20.79
C GLN A 258 27.91 -6.70 19.30
N GLU A 259 28.74 -7.53 18.66
CA GLU A 259 29.01 -7.40 17.23
C GLU A 259 27.82 -7.88 16.39
N LEU A 260 26.81 -8.41 17.06
CA LEU A 260 25.60 -8.90 16.40
C LEU A 260 24.69 -7.70 16.11
N GLY A 261 24.94 -6.62 16.85
CA GLY A 261 24.18 -5.38 16.72
C GLY A 261 22.76 -5.52 17.19
N LEU A 262 22.58 -6.27 18.27
CA LEU A 262 21.27 -6.53 18.83
C LEU A 262 20.89 -5.60 19.97
N LYS A 263 19.61 -5.27 19.99
CA LYS A 263 19.01 -4.42 21.01
C LYS A 263 17.51 -4.73 21.04
N TRP A 264 16.83 -4.22 22.06
CA TRP A 264 15.40 -4.44 22.20
C TRP A 264 14.83 -3.37 23.11
N TYR A 265 13.57 -2.99 22.87
CA TYR A 265 12.92 -1.98 23.70
C TYR A 265 12.66 -2.47 25.12
N ALA A 266 12.74 -1.55 26.08
CA ALA A 266 12.55 -1.88 27.48
C ALA A 266 11.09 -1.96 27.90
N LEU A 267 10.20 -1.41 27.09
CA LEU A 267 8.78 -1.40 27.47
C LEU A 267 7.83 -2.38 26.80
N PRO A 268 7.34 -3.36 27.57
CA PRO A 268 6.41 -4.38 27.09
C PRO A 268 5.00 -3.82 27.38
N ALA A 269 4.48 -3.04 26.43
CA ALA A 269 3.18 -2.44 26.59
C ALA A 269 2.20 -2.96 25.55
N VAL A 270 1.35 -3.92 25.97
CA VAL A 270 0.35 -4.52 25.09
C VAL A 270 -0.69 -3.45 24.80
N ALA A 271 -0.96 -3.23 23.51
CA ALA A 271 -1.87 -2.18 23.09
C ALA A 271 -3.26 -2.56 22.58
N ASN A 272 -3.37 -3.68 21.89
CA ASN A 272 -4.65 -4.09 21.30
C ASN A 272 -5.67 -4.90 22.10
N MET A 273 -5.62 -4.86 23.42
CA MET A 273 -6.58 -5.62 24.20
C MET A 273 -7.74 -4.80 24.76
N LEU A 274 -8.85 -5.47 25.01
CA LEU A 274 -10.06 -4.85 25.53
C LEU A 274 -10.32 -5.22 26.98
N LEU A 275 -10.63 -4.22 27.79
CA LEU A 275 -10.95 -4.45 29.20
C LEU A 275 -12.46 -4.49 29.36
N GLU A 276 -12.95 -5.59 29.90
CA GLU A 276 -14.39 -5.76 30.12
C GLU A 276 -14.60 -5.69 31.62
N VAL A 277 -15.58 -4.91 32.05
CA VAL A 277 -15.89 -4.79 33.46
C VAL A 277 -17.30 -4.25 33.71
N GLY A 278 -18.07 -4.99 34.52
CA GLY A 278 -19.42 -4.59 34.86
C GLY A 278 -20.31 -4.33 33.66
N GLY A 279 -20.12 -5.11 32.60
CA GLY A 279 -20.94 -4.95 31.40
C GLY A 279 -20.34 -3.98 30.40
N LEU A 280 -19.55 -3.03 30.91
CA LEU A 280 -18.87 -2.03 30.09
C LEU A 280 -17.66 -2.67 29.44
N GLU A 281 -17.13 -2.02 28.42
CA GLU A 281 -15.96 -2.55 27.73
C GLU A 281 -15.12 -1.45 27.10
N PHE A 282 -13.84 -1.45 27.44
CA PHE A 282 -12.89 -0.45 26.94
C PHE A 282 -11.97 -1.07 25.89
N PRO A 283 -12.31 -0.91 24.61
CA PRO A 283 -11.53 -1.44 23.48
C PRO A 283 -10.14 -0.82 23.28
N ALA A 284 -9.78 0.12 24.14
CA ALA A 284 -8.47 0.78 24.07
C ALA A 284 -8.01 1.03 25.50
N CYS A 285 -6.99 0.29 25.93
CA CYS A 285 -6.48 0.44 27.28
C CYS A 285 -5.11 -0.20 27.45
N PRO A 286 -4.12 0.29 26.68
CA PRO A 286 -2.76 -0.23 26.74
C PRO A 286 -2.21 -0.29 28.16
N PHE A 287 -1.55 -1.40 28.46
CA PHE A 287 -0.97 -1.63 29.78
C PHE A 287 0.44 -2.15 29.65
N ASN A 288 1.18 -2.05 30.75
CA ASN A 288 2.55 -2.53 30.74
C ASN A 288 3.00 -2.98 32.12
N GLY A 289 3.95 -3.89 32.11
CA GLY A 289 4.56 -4.38 33.32
C GLY A 289 5.99 -4.34 32.84
N TRP A 290 6.83 -5.23 33.35
CA TRP A 290 8.21 -5.27 32.87
C TRP A 290 8.46 -6.59 32.18
N TYR A 291 9.54 -6.63 31.41
CA TYR A 291 9.91 -7.83 30.68
C TYR A 291 10.39 -8.97 31.58
N MET A 292 10.39 -10.16 30.98
CA MET A 292 10.88 -11.39 31.59
C MET A 292 11.82 -11.88 30.47
N GLY A 293 13.09 -12.04 30.82
CA GLY A 293 14.12 -12.46 29.88
C GLY A 293 13.73 -13.28 28.67
N THR A 294 13.22 -14.48 28.93
CA THR A 294 12.82 -15.42 27.89
C THR A 294 11.96 -14.84 26.76
N GLU A 295 11.23 -13.75 27.04
CA GLU A 295 10.38 -13.13 26.02
C GLU A 295 11.24 -12.62 24.87
N ILE A 296 12.32 -11.92 25.23
CA ILE A 296 13.25 -11.35 24.26
C ILE A 296 14.28 -12.38 23.84
N GLY A 297 15.00 -12.91 24.83
CA GLY A 297 16.04 -13.89 24.59
C GLY A 297 15.60 -15.13 23.82
N VAL A 298 14.48 -15.72 24.20
CA VAL A 298 14.01 -16.91 23.54
C VAL A 298 13.03 -16.63 22.41
N ARG A 299 11.90 -16.03 22.75
CA ARG A 299 10.87 -15.74 21.78
C ARG A 299 11.22 -14.75 20.66
N ASP A 300 11.45 -13.51 21.06
CA ASP A 300 11.76 -12.44 20.10
C ASP A 300 13.01 -12.68 19.27
N PHE A 301 14.09 -13.12 19.93
CA PHE A 301 15.35 -13.36 19.25
C PHE A 301 15.47 -14.71 18.53
N CYS A 302 14.96 -15.77 19.12
CA CYS A 302 15.10 -17.10 18.53
C CYS A 302 13.98 -17.74 17.74
N ASP A 303 12.75 -17.24 17.85
CA ASP A 303 11.64 -17.82 17.08
C ASP A 303 11.93 -17.76 15.58
N THR A 304 11.54 -18.81 14.86
CA THR A 304 11.74 -18.88 13.41
C THR A 304 11.00 -17.74 12.72
N GLN A 305 9.83 -17.40 13.25
CA GLN A 305 8.97 -16.35 12.74
C GLN A 305 9.36 -14.95 13.24
N ARG A 306 10.41 -14.87 14.05
CA ARG A 306 10.87 -13.59 14.56
C ARG A 306 12.28 -13.26 14.06
N TYR A 307 13.14 -12.75 14.93
CA TYR A 307 14.50 -12.39 14.54
C TYR A 307 15.34 -13.57 14.08
N ASN A 308 15.07 -14.75 14.65
CA ASN A 308 15.76 -15.98 14.27
C ASN A 308 17.30 -15.88 14.32
N ILE A 309 17.82 -15.48 15.47
CA ILE A 309 19.27 -15.33 15.63
C ILE A 309 20.04 -16.62 15.94
N LEU A 310 19.36 -17.66 16.44
CA LEU A 310 19.97 -18.94 16.81
C LEU A 310 21.08 -19.47 15.89
N GLU A 311 20.81 -19.56 14.58
CA GLU A 311 21.78 -20.07 13.61
C GLU A 311 23.19 -19.50 13.79
N GLU A 312 23.33 -18.18 13.72
CA GLU A 312 24.64 -17.54 13.87
C GLU A 312 25.17 -17.43 15.30
N VAL A 313 24.29 -17.41 16.30
CA VAL A 313 24.74 -17.33 17.70
C VAL A 313 25.46 -18.64 18.01
N GLY A 314 24.98 -19.72 17.39
CA GLY A 314 25.59 -21.01 17.59
C GLY A 314 26.91 -21.08 16.85
N ARG A 315 26.91 -20.59 15.60
CA ARG A 315 28.11 -20.59 14.76
C ARG A 315 29.26 -19.86 15.42
N ARG A 316 28.97 -18.69 15.99
CA ARG A 316 29.99 -17.90 16.65
C ARG A 316 30.46 -18.49 17.97
N MET A 317 29.72 -19.44 18.51
CA MET A 317 30.11 -20.13 19.75
C MET A 317 30.93 -21.37 19.39
N GLY A 318 30.98 -21.65 18.09
CA GLY A 318 31.72 -22.79 17.56
C GLY A 318 31.03 -24.13 17.73
N LEU A 319 29.72 -24.13 17.89
CA LEU A 319 28.94 -25.37 18.08
C LEU A 319 28.66 -26.11 16.78
N GLU A 320 28.40 -27.42 16.92
CA GLU A 320 28.11 -28.30 15.79
C GLU A 320 26.72 -27.98 15.27
N THR A 321 26.62 -26.87 14.55
CA THR A 321 25.37 -26.37 14.00
C THR A 321 24.60 -27.29 13.03
N HIS A 322 25.23 -28.35 12.55
CA HIS A 322 24.57 -29.26 11.62
C HIS A 322 24.22 -30.62 12.22
N THR A 323 24.34 -30.71 13.54
CA THR A 323 24.04 -31.92 14.28
C THR A 323 23.10 -31.52 15.42
N LEU A 324 21.81 -31.86 15.29
CA LEU A 324 20.81 -31.53 16.30
C LEU A 324 21.12 -32.06 17.71
N ALA A 325 21.44 -33.36 17.78
CA ALA A 325 21.72 -34.06 19.04
C ALA A 325 22.85 -33.50 19.89
N SER A 326 23.61 -32.55 19.34
CA SER A 326 24.71 -31.95 20.08
C SER A 326 24.18 -31.00 21.15
N LEU A 327 22.88 -30.74 21.10
CA LEU A 327 22.18 -29.85 22.02
C LEU A 327 22.74 -28.42 21.98
N TRP A 328 23.21 -28.01 20.80
CA TRP A 328 23.78 -26.67 20.63
C TRP A 328 22.75 -25.58 20.84
N LYS A 329 21.54 -25.80 20.33
CA LYS A 329 20.45 -24.84 20.49
C LYS A 329 20.23 -24.52 21.96
N ASP A 330 20.31 -25.55 22.82
CA ASP A 330 20.13 -25.37 24.26
C ASP A 330 21.28 -24.52 24.82
N ARG A 331 22.47 -24.70 24.24
CA ARG A 331 23.64 -23.97 24.70
C ARG A 331 23.59 -22.52 24.27
N ALA A 332 23.26 -22.29 23.00
CA ALA A 332 23.18 -20.95 22.45
C ALA A 332 22.15 -20.11 23.20
N VAL A 333 20.89 -20.55 23.15
CA VAL A 333 19.79 -19.86 23.79
C VAL A 333 20.06 -19.47 25.24
N THR A 334 20.67 -20.37 26.00
CA THR A 334 20.98 -20.10 27.39
C THR A 334 21.85 -18.85 27.51
N GLU A 335 22.84 -18.77 26.63
CA GLU A 335 23.75 -17.63 26.62
C GLU A 335 23.04 -16.34 26.17
N ILE A 336 22.20 -16.45 25.14
CA ILE A 336 21.43 -15.29 24.65
C ILE A 336 20.59 -14.77 25.83
N ASN A 337 20.02 -15.68 26.60
CA ASN A 337 19.21 -15.32 27.74
C ASN A 337 20.03 -14.56 28.76
N VAL A 338 21.25 -15.03 29.05
CA VAL A 338 22.11 -14.35 30.02
C VAL A 338 22.55 -12.99 29.46
N ALA A 339 22.69 -12.91 28.13
CA ALA A 339 23.07 -11.66 27.49
C ALA A 339 22.01 -10.64 27.88
N VAL A 340 20.77 -10.98 27.55
CA VAL A 340 19.61 -10.14 27.84
C VAL A 340 19.56 -9.70 29.32
N LEU A 341 19.56 -10.67 30.24
CA LEU A 341 19.51 -10.39 31.67
C LEU A 341 20.66 -9.49 32.12
N HIS A 342 21.84 -9.74 31.56
CA HIS A 342 23.02 -8.96 31.87
C HIS A 342 22.87 -7.55 31.31
N SER A 343 22.63 -7.46 30.00
CA SER A 343 22.46 -6.18 29.31
C SER A 343 21.47 -5.28 30.03
N PHE A 344 20.30 -5.82 30.35
CA PHE A 344 19.28 -5.06 31.07
C PHE A 344 19.78 -4.68 32.45
N GLN A 345 20.22 -5.68 33.22
CA GLN A 345 20.71 -5.48 34.59
C GLN A 345 21.83 -4.44 34.64
N LYS A 346 22.68 -4.48 33.61
CA LYS A 346 23.82 -3.57 33.49
C LYS A 346 23.36 -2.13 33.24
N GLN A 347 22.52 -1.97 32.22
CA GLN A 347 21.97 -0.67 31.84
C GLN A 347 20.83 -0.22 32.75
N ASN A 348 20.78 -0.81 33.94
CA ASN A 348 19.78 -0.55 34.96
C ASN A 348 18.31 -0.50 34.54
N VAL A 349 17.92 -1.47 33.72
CA VAL A 349 16.56 -1.59 33.22
C VAL A 349 15.92 -2.79 33.92
N THR A 350 14.76 -2.57 34.54
CA THR A 350 14.04 -3.63 35.25
C THR A 350 13.72 -4.81 34.33
N ILE A 351 14.11 -5.99 34.78
CA ILE A 351 13.86 -7.23 34.06
C ILE A 351 13.79 -8.36 35.08
N MET A 352 13.18 -9.47 34.69
CA MET A 352 13.03 -10.61 35.58
C MET A 352 13.35 -11.90 34.84
N ASP A 353 14.12 -12.77 35.49
CA ASP A 353 14.46 -14.06 34.89
C ASP A 353 13.26 -14.98 35.14
N HIS A 354 13.04 -15.96 34.26
CA HIS A 354 11.91 -16.86 34.40
C HIS A 354 11.87 -17.68 35.69
N HIS A 355 13.03 -18.01 36.24
CA HIS A 355 13.09 -18.79 37.48
C HIS A 355 12.49 -18.04 38.65
N THR A 356 12.99 -16.83 38.89
CA THR A 356 12.49 -16.01 39.99
C THR A 356 11.02 -15.65 39.76
N ALA A 357 10.66 -15.46 38.49
CA ALA A 357 9.28 -15.11 38.12
C ALA A 357 8.35 -16.25 38.50
N SER A 358 8.75 -17.46 38.14
CA SER A 358 7.98 -18.67 38.44
C SER A 358 7.83 -18.89 39.93
N GLU A 359 8.90 -18.64 40.69
CA GLU A 359 8.83 -18.82 42.14
C GLU A 359 7.88 -17.82 42.81
N SER A 360 7.85 -16.60 42.29
CA SER A 360 6.98 -15.54 42.82
C SER A 360 5.52 -15.81 42.44
N PHE A 361 5.31 -16.44 41.28
CA PHE A 361 3.96 -16.76 40.86
C PHE A 361 3.39 -17.86 41.75
N MET A 362 4.22 -18.86 42.06
CA MET A 362 3.80 -19.96 42.92
C MET A 362 3.36 -19.36 44.25
N LYS A 363 4.07 -18.33 44.71
CA LYS A 363 3.75 -17.66 45.95
C LYS A 363 2.41 -16.97 45.76
N HIS A 364 2.20 -16.40 44.58
CA HIS A 364 0.98 -15.71 44.24
C HIS A 364 -0.22 -16.64 44.26
N MET A 365 -0.08 -17.81 43.62
CA MET A 365 -1.14 -18.80 43.58
C MET A 365 -1.60 -19.16 44.97
N GLN A 366 -0.64 -19.38 45.86
CA GLN A 366 -0.93 -19.70 47.26
C GLN A 366 -1.76 -18.60 47.90
N ASN A 367 -1.30 -17.37 47.77
CA ASN A 367 -2.00 -16.21 48.34
C ASN A 367 -3.41 -16.15 47.77
N GLU A 368 -3.48 -16.33 46.46
CA GLU A 368 -4.74 -16.28 45.72
C GLU A 368 -5.77 -17.34 46.14
N TYR A 369 -5.32 -18.58 46.31
CA TYR A 369 -6.22 -19.67 46.71
C TYR A 369 -6.69 -19.48 48.15
N ARG A 370 -5.79 -19.05 49.01
CA ARG A 370 -6.15 -18.82 50.41
C ARG A 370 -7.06 -17.61 50.55
N ALA A 371 -6.87 -16.63 49.67
CA ALA A 371 -7.67 -15.39 49.70
C ALA A 371 -9.04 -15.51 49.04
N ARG A 372 -9.09 -15.90 47.76
CA ARG A 372 -10.39 -16.03 47.10
C ARG A 372 -10.76 -17.43 46.65
N GLY A 373 -9.95 -18.40 47.06
CA GLY A 373 -10.22 -19.79 46.73
C GLY A 373 -10.04 -20.14 45.27
N GLY A 374 -8.97 -19.65 44.67
CA GLY A 374 -8.73 -19.96 43.27
C GLY A 374 -7.80 -18.98 42.60
N CYS A 375 -7.43 -19.31 41.36
CA CYS A 375 -6.53 -18.47 40.57
C CYS A 375 -6.55 -18.98 39.12
N PRO A 376 -7.22 -18.24 38.22
CA PRO A 376 -7.26 -18.67 36.83
C PRO A 376 -5.87 -18.70 36.22
N ALA A 377 -5.42 -19.87 35.81
CA ALA A 377 -4.09 -20.01 35.25
C ALA A 377 -4.01 -20.84 33.98
N ASP A 378 -3.30 -20.31 32.98
CA ASP A 378 -3.13 -21.01 31.72
C ASP A 378 -1.72 -21.57 31.71
N TRP A 379 -1.61 -22.86 32.01
CA TRP A 379 -0.34 -23.57 32.06
C TRP A 379 0.47 -23.33 30.79
N ILE A 380 -0.14 -23.58 29.63
CA ILE A 380 0.53 -23.42 28.35
C ILE A 380 1.25 -22.07 28.21
N TRP A 381 0.67 -21.02 28.78
CA TRP A 381 1.28 -19.70 28.70
C TRP A 381 2.20 -19.38 29.88
N LEU A 382 1.83 -19.87 31.06
CA LEU A 382 2.61 -19.61 32.26
C LEU A 382 3.97 -20.28 32.33
N VAL A 383 4.09 -21.47 31.72
CA VAL A 383 5.36 -22.18 31.73
C VAL A 383 6.29 -21.55 30.70
N PRO A 384 7.45 -21.04 31.17
CA PRO A 384 8.48 -20.39 30.34
C PRO A 384 8.83 -21.21 29.09
N PRO A 385 9.16 -20.53 27.97
CA PRO A 385 9.52 -21.18 26.70
C PRO A 385 10.79 -22.04 26.80
N VAL A 386 11.45 -21.99 27.95
CA VAL A 386 12.64 -22.79 28.22
C VAL A 386 12.69 -23.14 29.70
N SER A 387 13.30 -24.29 29.99
CA SER A 387 13.49 -24.85 31.32
C SER A 387 12.18 -25.21 31.98
N GLY A 388 11.28 -25.74 31.15
CA GLY A 388 9.96 -26.16 31.56
C GLY A 388 9.88 -26.78 32.93
N SER A 389 10.32 -28.03 33.06
CA SER A 389 10.26 -28.74 34.33
C SER A 389 11.22 -28.25 35.40
N ILE A 390 12.11 -27.33 35.04
CA ILE A 390 13.06 -26.78 36.01
C ILE A 390 12.34 -25.72 36.82
N THR A 391 11.26 -25.19 36.25
CA THR A 391 10.45 -24.17 36.91
C THR A 391 9.34 -24.85 37.71
N PRO A 392 9.00 -24.28 38.88
CA PRO A 392 7.98 -24.81 39.78
C PRO A 392 6.58 -24.90 39.14
N VAL A 393 6.28 -23.97 38.25
CA VAL A 393 4.98 -23.91 37.60
C VAL A 393 4.66 -25.05 36.64
N PHE A 394 5.68 -25.83 36.29
CA PHE A 394 5.49 -26.95 35.37
C PHE A 394 4.83 -28.12 36.10
N HIS A 395 5.13 -28.24 37.39
CA HIS A 395 4.60 -29.32 38.23
C HIS A 395 3.35 -28.90 38.96
N GLN A 396 2.81 -27.75 38.58
CA GLN A 396 1.61 -27.24 39.21
C GLN A 396 0.41 -27.42 38.30
N GLU A 397 -0.55 -28.24 38.74
CA GLU A 397 -1.78 -28.46 37.96
C GLU A 397 -2.54 -27.16 38.11
N MET A 398 -3.16 -26.69 37.03
CA MET A 398 -3.89 -25.44 37.09
C MET A 398 -5.15 -25.41 36.26
N LEU A 399 -6.09 -24.56 36.70
CA LEU A 399 -7.37 -24.37 36.04
C LEU A 399 -7.41 -23.06 35.28
N ASN A 400 -7.84 -23.12 34.03
CA ASN A 400 -7.92 -21.94 33.18
C ASN A 400 -9.38 -21.54 32.93
N TYR A 401 -9.77 -20.42 33.51
CA TYR A 401 -11.14 -19.92 33.35
C TYR A 401 -11.21 -18.40 33.24
N VAL A 402 -12.27 -17.93 32.57
CA VAL A 402 -12.49 -16.50 32.36
C VAL A 402 -13.44 -15.89 33.39
N LEU A 403 -12.92 -14.97 34.19
CA LEU A 403 -13.73 -14.29 35.19
C LEU A 403 -13.98 -12.87 34.69
N SER A 404 -14.52 -12.03 35.55
CA SER A 404 -14.80 -10.63 35.21
C SER A 404 -14.50 -9.75 36.43
N PRO A 405 -13.82 -8.60 36.23
CA PRO A 405 -13.32 -8.05 34.96
C PRO A 405 -12.29 -8.94 34.27
N PHE A 406 -12.00 -8.64 33.00
CA PHE A 406 -11.08 -9.47 32.23
C PHE A 406 -10.56 -8.69 31.01
N TYR A 407 -9.33 -9.01 30.60
CA TYR A 407 -8.72 -8.39 29.43
C TYR A 407 -8.88 -9.34 28.24
N TYR A 408 -9.81 -9.03 27.34
CA TYR A 408 -10.03 -9.88 26.17
C TYR A 408 -9.21 -9.43 24.99
N TYR A 409 -9.07 -10.32 24.01
CA TYR A 409 -8.37 -10.02 22.76
C TYR A 409 -9.48 -9.44 21.92
N GLN A 410 -9.13 -8.86 20.78
CA GLN A 410 -10.15 -8.35 19.88
C GLN A 410 -9.72 -8.48 18.44
N ILE A 411 -10.71 -8.65 17.57
CA ILE A 411 -10.49 -8.81 16.14
C ILE A 411 -9.65 -7.64 15.61
N GLU A 412 -8.61 -7.96 14.85
CA GLU A 412 -7.72 -6.95 14.29
C GLU A 412 -8.57 -5.89 13.58
N PRO A 413 -8.49 -4.64 14.06
CA PRO A 413 -9.22 -3.47 13.56
C PRO A 413 -9.27 -3.22 12.06
N TRP A 414 -8.19 -3.54 11.34
CA TRP A 414 -8.16 -3.34 9.89
C TRP A 414 -9.06 -4.31 9.12
N LYS A 415 -9.44 -5.40 9.78
CA LYS A 415 -10.31 -6.41 9.18
C LYS A 415 -11.76 -5.97 9.26
N THR A 416 -12.08 -5.14 10.25
CA THR A 416 -13.44 -4.65 10.46
C THR A 416 -13.47 -3.14 10.67
N HIS A 417 -13.37 -2.37 9.59
CA HIS A 417 -13.40 -0.92 9.70
C HIS A 417 -13.92 -0.26 8.43
N ILE A 418 -14.71 0.80 8.63
CA ILE A 418 -15.26 1.55 7.51
C ILE A 418 -14.30 2.70 7.16
N TRP A 419 -13.98 2.81 5.88
CA TRP A 419 -13.06 3.83 5.41
C TRP A 419 -13.68 5.05 4.72
N GLN A 420 -13.83 6.14 5.46
CA GLN A 420 -14.41 7.37 4.91
C GLN A 420 -13.37 8.24 4.22
N GLN B 1 -9.97 33.69 -10.56
CA GLN B 1 -9.14 33.24 -9.45
C GLN B 1 -7.65 33.33 -9.79
N TYR B 2 -7.12 32.28 -10.43
CA TYR B 2 -5.72 32.21 -10.85
C TYR B 2 -5.52 30.98 -11.75
N VAL B 3 -4.29 30.77 -12.23
CA VAL B 3 -3.99 29.63 -13.09
C VAL B 3 -2.86 28.79 -12.55
N ARG B 4 -3.08 27.48 -12.47
CA ARG B 4 -2.09 26.55 -11.95
C ARG B 4 -1.11 26.17 -13.07
N ILE B 5 0.17 26.43 -12.82
CA ILE B 5 1.25 26.13 -13.76
C ILE B 5 2.20 25.13 -13.12
N LYS B 6 2.57 24.09 -13.86
CA LYS B 6 3.46 23.07 -13.31
C LYS B 6 4.80 22.95 -14.06
N ASN B 7 5.85 22.63 -13.30
CA ASN B 7 7.16 22.42 -13.90
C ASN B 7 7.37 20.94 -13.80
N TRP B 8 7.36 20.25 -14.93
CA TRP B 8 7.52 18.82 -14.97
C TRP B 8 8.88 18.27 -14.55
N GLY B 9 9.80 19.17 -14.23
CA GLY B 9 11.12 18.75 -13.80
C GLY B 9 11.23 18.81 -12.28
N SER B 10 10.68 19.87 -11.70
CA SER B 10 10.72 20.08 -10.25
C SER B 10 9.48 19.53 -9.56
N GLY B 11 8.38 19.48 -10.29
CA GLY B 11 7.12 19.04 -9.73
C GLY B 11 6.54 20.26 -9.02
N GLU B 12 7.30 21.35 -9.07
CA GLU B 12 6.93 22.60 -8.46
C GLU B 12 5.72 23.19 -9.15
N ILE B 13 4.83 23.77 -8.37
CA ILE B 13 3.60 24.38 -8.87
C ILE B 13 3.60 25.87 -8.55
N LEU B 14 3.09 26.65 -9.50
CA LEU B 14 3.01 28.10 -9.37
C LEU B 14 1.58 28.54 -9.66
N HIS B 15 1.18 29.66 -9.09
CA HIS B 15 -0.18 30.18 -9.30
C HIS B 15 -0.10 31.57 -9.94
N ASP B 16 -0.58 31.68 -11.17
CA ASP B 16 -0.55 32.94 -11.91
C ASP B 16 -1.73 33.85 -11.64
N THR B 17 -1.44 35.04 -11.13
CA THR B 17 -2.47 36.05 -10.84
C THR B 17 -2.32 37.24 -11.81
N LEU B 18 -1.09 37.50 -12.23
CA LEU B 18 -0.76 38.62 -13.12
C LEU B 18 -1.54 38.68 -14.44
N HIS B 19 -1.92 37.52 -14.96
CA HIS B 19 -2.66 37.45 -16.22
C HIS B 19 -3.95 38.28 -16.24
N HIS B 20 -4.47 38.63 -15.07
CA HIS B 20 -5.68 39.44 -14.96
C HIS B 20 -5.44 40.86 -15.45
N LYS B 21 -4.18 41.29 -15.36
CA LYS B 21 -3.79 42.64 -15.79
C LYS B 21 -3.47 42.68 -17.29
N ALA B 22 -3.88 41.62 -17.99
CA ALA B 22 -3.66 41.48 -19.42
C ALA B 22 -4.71 42.18 -20.28
N THR B 23 -4.31 42.51 -21.51
CA THR B 23 -5.16 43.16 -22.50
C THR B 23 -6.28 42.21 -22.89
N CYS B 33 -2.70 32.68 -23.93
CA CYS B 33 -2.50 31.33 -24.44
C CYS B 33 -1.90 30.44 -23.38
N LEU B 34 -2.54 29.28 -23.31
CA LEU B 34 -2.28 28.17 -22.43
C LEU B 34 -1.65 27.05 -23.27
N GLY B 35 -1.19 27.38 -24.48
CA GLY B 35 -0.57 26.40 -25.36
C GLY B 35 0.58 25.64 -24.73
N SER B 36 1.26 26.26 -23.77
CA SER B 36 2.38 25.65 -23.07
C SER B 36 1.94 24.62 -22.04
N ILE B 37 0.66 24.64 -21.65
CA ILE B 37 0.13 23.69 -20.67
C ILE B 37 0.05 22.29 -21.27
N MET B 38 0.54 21.31 -20.51
CA MET B 38 0.57 19.92 -20.97
C MET B 38 -0.74 19.14 -20.93
N ASN B 39 -1.47 19.24 -19.83
CA ASN B 39 -2.76 18.54 -19.67
C ASN B 39 -3.94 19.49 -19.46
N PRO B 40 -4.26 20.33 -20.47
CA PRO B 40 -5.38 21.26 -20.33
C PRO B 40 -6.72 20.54 -20.32
N LYS B 41 -7.71 21.12 -19.65
CA LYS B 41 -9.03 20.52 -19.59
C LYS B 41 -9.66 20.43 -21.00
N SER B 42 -9.15 21.26 -21.92
CA SER B 42 -9.64 21.29 -23.31
C SER B 42 -9.22 20.05 -24.11
N LEU B 43 -8.28 19.30 -23.57
CA LEU B 43 -7.76 18.09 -24.23
C LEU B 43 -8.11 16.83 -23.43
N THR B 44 -8.80 17.01 -22.32
CA THR B 44 -9.20 15.91 -21.46
C THR B 44 -10.69 15.63 -21.58
N ARG B 45 -11.04 14.33 -21.60
CA ARG B 45 -12.43 13.90 -21.66
C ARG B 45 -12.62 13.08 -20.38
N GLY B 46 -13.22 13.72 -19.38
CA GLY B 46 -13.46 13.11 -18.08
C GLY B 46 -14.56 12.08 -17.95
N PRO B 47 -14.80 11.57 -16.73
CA PRO B 47 -15.80 10.57 -16.33
C PRO B 47 -17.25 11.00 -16.49
N ARG B 48 -18.16 10.05 -16.29
CA ARG B 48 -19.61 10.28 -16.39
C ARG B 48 -20.42 9.49 -15.34
N ASP B 49 -21.72 9.78 -15.29
CA ASP B 49 -22.67 9.14 -14.37
C ASP B 49 -23.85 8.71 -15.21
N LYS B 50 -24.28 9.65 -16.06
CA LYS B 50 -25.41 9.48 -16.94
C LYS B 50 -24.86 9.38 -18.37
N PRO B 51 -25.52 8.59 -19.23
CA PRO B 51 -25.09 8.45 -20.63
C PRO B 51 -25.12 9.82 -21.32
N THR B 52 -24.30 9.99 -22.34
CA THR B 52 -24.28 11.27 -23.05
C THR B 52 -25.69 11.65 -23.53
N PRO B 53 -26.21 12.79 -23.07
CA PRO B 53 -27.54 13.30 -23.42
C PRO B 53 -27.82 13.52 -24.91
N LEU B 54 -29.04 13.17 -25.30
CA LEU B 54 -29.53 13.25 -26.67
C LEU B 54 -29.23 14.49 -27.49
N GLU B 55 -29.60 15.66 -26.95
CA GLU B 55 -29.40 16.93 -27.66
C GLU B 55 -28.00 17.18 -28.20
N GLU B 56 -26.98 16.63 -27.55
CA GLU B 56 -25.61 16.81 -28.00
C GLU B 56 -25.06 15.59 -28.75
N LEU B 57 -25.50 14.39 -28.35
CA LEU B 57 -25.07 13.14 -28.97
C LEU B 57 -25.57 12.97 -30.41
N LEU B 58 -26.78 13.45 -30.68
CA LEU B 58 -27.40 13.34 -32.00
C LEU B 58 -26.67 14.12 -33.12
N PRO B 59 -26.39 15.41 -32.91
CA PRO B 59 -25.70 16.22 -33.92
C PRO B 59 -24.27 15.74 -34.19
N HIS B 60 -23.63 15.22 -33.14
CA HIS B 60 -22.26 14.69 -33.20
C HIS B 60 -22.25 13.47 -34.11
N ALA B 61 -23.13 12.52 -33.79
CA ALA B 61 -23.27 11.29 -34.55
C ALA B 61 -23.52 11.58 -36.03
N ILE B 62 -24.43 12.52 -36.30
CA ILE B 62 -24.76 12.88 -37.67
C ILE B 62 -23.54 13.50 -38.34
N GLU B 63 -22.80 14.31 -37.57
CA GLU B 63 -21.59 14.94 -38.09
C GLU B 63 -20.62 13.86 -38.57
N PHE B 64 -20.38 12.87 -37.70
CA PHE B 64 -19.48 11.78 -38.02
C PHE B 64 -19.90 11.01 -39.27
N ILE B 65 -21.16 10.62 -39.32
CA ILE B 65 -21.68 9.87 -40.46
C ILE B 65 -21.60 10.64 -41.77
N ASN B 66 -21.71 11.96 -41.70
CA ASN B 66 -21.62 12.78 -42.91
C ASN B 66 -20.16 12.87 -43.34
N GLN B 67 -19.26 12.79 -42.36
CA GLN B 67 -17.83 12.84 -42.61
C GLN B 67 -17.44 11.51 -43.25
N TYR B 68 -17.96 10.42 -42.67
CA TYR B 68 -17.68 9.06 -43.16
C TYR B 68 -18.12 8.89 -44.62
N TYR B 69 -19.41 9.12 -44.88
CA TYR B 69 -19.93 8.97 -46.24
C TYR B 69 -19.41 10.01 -47.23
N GLY B 70 -18.65 10.97 -46.74
CA GLY B 70 -18.10 12.01 -47.59
C GLY B 70 -16.66 11.75 -47.96
N SER B 71 -16.12 10.64 -47.49
CA SER B 71 -14.73 10.29 -47.78
C SER B 71 -14.44 9.56 -49.10
N PHE B 72 -15.12 8.46 -49.39
CA PHE B 72 -14.83 7.73 -50.64
C PHE B 72 -15.05 8.52 -51.93
N LYS B 73 -14.27 8.18 -52.97
CA LYS B 73 -14.32 8.84 -54.28
C LYS B 73 -15.66 8.92 -55.03
N GLU B 74 -16.55 7.96 -54.82
CA GLU B 74 -17.89 8.02 -55.42
C GLU B 74 -18.79 7.63 -54.25
N ALA B 75 -19.63 8.58 -53.84
CA ALA B 75 -20.52 8.40 -52.71
C ALA B 75 -21.76 7.56 -52.90
N LYS B 76 -22.00 6.71 -51.90
CA LYS B 76 -23.15 5.83 -51.86
C LYS B 76 -24.27 6.64 -51.17
N ILE B 77 -24.77 7.62 -51.93
CA ILE B 77 -25.81 8.54 -51.50
C ILE B 77 -26.98 7.88 -50.80
N GLU B 78 -27.52 6.84 -51.43
CA GLU B 78 -28.66 6.11 -50.89
C GLU B 78 -28.35 5.48 -49.54
N GLU B 79 -27.14 4.95 -49.40
CA GLU B 79 -26.69 4.31 -48.15
C GLU B 79 -26.37 5.34 -47.07
N HIS B 80 -25.93 6.52 -47.52
CA HIS B 80 -25.60 7.64 -46.64
C HIS B 80 -26.90 8.02 -45.92
N LEU B 81 -27.97 8.18 -46.70
CA LEU B 81 -29.28 8.54 -46.19
C LEU B 81 -29.80 7.45 -45.27
N ALA B 82 -29.76 6.21 -45.75
CA ALA B 82 -30.24 5.06 -44.99
C ALA B 82 -29.52 4.99 -43.64
N ARG B 83 -28.21 5.22 -43.67
CA ARG B 83 -27.40 5.20 -42.45
C ARG B 83 -27.79 6.35 -41.53
N LEU B 84 -27.92 7.54 -42.10
CA LEU B 84 -28.31 8.72 -41.34
C LEU B 84 -29.66 8.52 -40.65
N GLU B 85 -30.61 7.96 -41.40
CA GLU B 85 -31.95 7.69 -40.87
C GLU B 85 -31.88 6.61 -39.80
N ALA B 86 -31.16 5.54 -40.10
CA ALA B 86 -31.01 4.41 -39.18
C ALA B 86 -30.35 4.79 -37.86
N VAL B 87 -29.23 5.49 -37.96
CA VAL B 87 -28.47 5.92 -36.79
C VAL B 87 -29.32 6.83 -35.90
N THR B 88 -30.02 7.76 -36.55
CA THR B 88 -30.89 8.72 -35.86
C THR B 88 -31.95 7.97 -35.07
N LYS B 89 -32.63 7.03 -35.72
CA LYS B 89 -33.67 6.24 -35.07
C LYS B 89 -33.08 5.43 -33.93
N GLU B 90 -31.93 4.80 -34.17
CA GLU B 90 -31.26 3.98 -33.17
C GLU B 90 -30.90 4.76 -31.91
N ILE B 91 -30.49 6.01 -32.09
CA ILE B 91 -30.12 6.88 -30.98
C ILE B 91 -31.35 7.33 -30.19
N GLU B 92 -32.37 7.79 -30.89
CA GLU B 92 -33.63 8.25 -30.28
C GLU B 92 -34.38 7.16 -29.52
N THR B 93 -34.19 5.90 -29.92
CA THR B 93 -34.87 4.78 -29.27
C THR B 93 -34.13 4.13 -28.10
N THR B 94 -32.83 3.85 -28.28
CA THR B 94 -32.03 3.20 -27.22
C THR B 94 -31.08 4.11 -26.44
N GLY B 95 -30.92 5.34 -26.90
CA GLY B 95 -30.02 6.28 -26.23
C GLY B 95 -28.73 6.43 -27.03
N THR B 96 -27.81 5.50 -26.84
CA THR B 96 -26.53 5.50 -27.55
C THR B 96 -26.72 4.82 -28.92
N TYR B 97 -25.62 4.45 -29.57
CA TYR B 97 -25.66 3.77 -30.86
C TYR B 97 -24.35 3.05 -31.11
N GLN B 98 -24.32 2.20 -32.14
CA GLN B 98 -23.12 1.44 -32.47
C GLN B 98 -22.58 1.77 -33.84
N LEU B 99 -21.26 1.80 -33.97
CA LEU B 99 -20.62 2.07 -35.26
C LEU B 99 -20.52 0.76 -36.01
N THR B 100 -20.39 0.83 -37.32
CA THR B 100 -20.20 -0.38 -38.10
C THR B 100 -18.71 -0.63 -37.93
N LEU B 101 -18.25 -1.84 -38.24
CA LEU B 101 -16.83 -2.14 -38.10
C LEU B 101 -16.04 -1.15 -38.96
N ASP B 102 -16.51 -0.96 -40.20
CA ASP B 102 -15.88 -0.07 -41.16
C ASP B 102 -15.80 1.40 -40.69
N GLU B 103 -16.86 1.87 -40.05
CA GLU B 103 -16.89 3.25 -39.53
C GLU B 103 -15.82 3.43 -38.46
N LEU B 104 -15.63 2.41 -37.64
CA LEU B 104 -14.63 2.46 -36.57
C LEU B 104 -13.22 2.53 -37.15
N ILE B 105 -12.98 1.78 -38.23
CA ILE B 105 -11.67 1.80 -38.89
C ILE B 105 -11.38 3.25 -39.25
N PHE B 106 -12.31 3.84 -39.98
CA PHE B 106 -12.21 5.22 -40.43
C PHE B 106 -11.99 6.16 -39.26
N ALA B 107 -12.78 5.96 -38.20
CA ALA B 107 -12.70 6.77 -36.99
C ALA B 107 -11.32 6.75 -36.34
N THR B 108 -10.78 5.54 -36.13
CA THR B 108 -9.46 5.41 -35.49
C THR B 108 -8.36 6.10 -36.30
N LYS B 109 -8.42 5.96 -37.62
CA LYS B 109 -7.44 6.57 -38.51
C LYS B 109 -7.58 8.09 -38.56
N MET B 110 -8.82 8.57 -38.56
CA MET B 110 -9.07 10.00 -38.60
C MET B 110 -8.67 10.65 -37.28
N ALA B 111 -8.94 9.96 -36.17
CA ALA B 111 -8.58 10.45 -34.83
C ALA B 111 -7.07 10.62 -34.77
N TRP B 112 -6.35 9.71 -35.42
CA TRP B 112 -4.89 9.76 -35.48
C TRP B 112 -4.52 10.94 -36.36
N ARG B 113 -5.19 11.03 -37.51
CA ARG B 113 -4.99 12.11 -38.46
C ARG B 113 -5.20 13.47 -37.75
N ASN B 114 -6.17 13.51 -36.84
CA ASN B 114 -6.50 14.72 -36.10
C ASN B 114 -5.69 14.92 -34.83
N ALA B 115 -4.65 14.12 -34.63
CA ALA B 115 -3.80 14.23 -33.44
C ALA B 115 -2.77 15.35 -33.65
N PRO B 116 -3.00 16.51 -33.02
CA PRO B 116 -2.07 17.63 -33.18
C PRO B 116 -0.68 17.47 -32.58
N ARG B 117 -0.48 16.43 -31.77
CA ARG B 117 0.83 16.21 -31.15
C ARG B 117 1.64 15.03 -31.70
N CYS B 118 1.21 14.46 -32.83
CA CYS B 118 1.88 13.31 -33.47
C CYS B 118 2.67 13.71 -34.71
N ILE B 119 3.94 13.32 -34.77
CA ILE B 119 4.81 13.64 -35.89
C ILE B 119 4.67 12.62 -37.01
N GLY B 120 4.33 11.38 -36.63
CA GLY B 120 4.22 10.32 -37.60
C GLY B 120 2.89 10.20 -38.30
N ARG B 121 2.10 11.27 -38.30
CA ARG B 121 0.77 11.25 -38.93
C ARG B 121 0.71 10.98 -40.43
N ILE B 122 1.85 10.96 -41.13
CA ILE B 122 1.84 10.68 -42.57
C ILE B 122 1.42 9.23 -42.75
N GLN B 123 1.61 8.48 -41.68
CA GLN B 123 1.29 7.07 -41.59
C GLN B 123 -0.16 6.83 -41.18
N TRP B 124 -0.95 7.89 -41.12
CA TRP B 124 -2.34 7.80 -40.68
C TRP B 124 -3.23 6.75 -41.33
N SER B 125 -3.13 6.58 -42.64
CA SER B 125 -3.96 5.60 -43.35
C SER B 125 -3.46 4.15 -43.22
N ASN B 126 -2.35 3.99 -42.50
CA ASN B 126 -1.74 2.68 -42.25
C ASN B 126 -1.95 2.27 -40.81
N LEU B 127 -3.15 1.81 -40.49
CA LEU B 127 -3.44 1.40 -39.13
C LEU B 127 -4.21 0.10 -39.06
N GLN B 128 -3.78 -0.77 -38.15
CA GLN B 128 -4.43 -2.04 -37.92
C GLN B 128 -5.35 -1.83 -36.74
N VAL B 129 -6.62 -2.18 -36.93
CA VAL B 129 -7.63 -2.02 -35.89
C VAL B 129 -8.08 -3.36 -35.32
N PHE B 130 -8.08 -3.47 -33.99
CA PHE B 130 -8.54 -4.68 -33.32
C PHE B 130 -9.86 -4.36 -32.62
N ASP B 131 -10.95 -4.85 -33.20
CA ASP B 131 -12.30 -4.65 -32.68
C ASP B 131 -12.54 -5.53 -31.46
N ALA B 132 -12.33 -4.94 -30.29
CA ALA B 132 -12.53 -5.66 -29.04
C ALA B 132 -13.73 -5.07 -28.31
N ARG B 133 -14.72 -4.62 -29.08
CA ARG B 133 -15.92 -4.01 -28.52
C ARG B 133 -16.80 -5.04 -27.80
N ASN B 134 -16.69 -6.30 -28.21
CA ASN B 134 -17.45 -7.41 -27.63
C ASN B 134 -16.81 -7.97 -26.35
N CYS B 135 -15.66 -7.42 -25.97
CA CYS B 135 -14.94 -7.86 -24.77
C CYS B 135 -15.82 -7.62 -23.54
N SER B 136 -15.62 -8.42 -22.49
CA SER B 136 -16.42 -8.28 -21.28
C SER B 136 -15.72 -8.56 -19.96
N THR B 137 -14.52 -9.13 -20.01
CA THR B 137 -13.77 -9.43 -18.79
C THR B 137 -12.29 -9.02 -18.84
N ALA B 138 -11.69 -8.87 -17.66
CA ALA B 138 -10.29 -8.49 -17.54
C ALA B 138 -9.36 -9.52 -18.20
N GLN B 139 -9.73 -10.80 -18.12
CA GLN B 139 -8.94 -11.87 -18.75
C GLN B 139 -9.03 -11.72 -20.27
N GLU B 140 -10.20 -11.29 -20.74
CA GLU B 140 -10.42 -11.09 -22.16
C GLU B 140 -9.64 -9.88 -22.65
N MET B 141 -9.62 -8.83 -21.82
CA MET B 141 -8.88 -7.59 -22.12
C MET B 141 -7.41 -7.96 -22.26
N PHE B 142 -6.91 -8.60 -21.20
CA PHE B 142 -5.53 -9.07 -21.11
C PHE B 142 -5.14 -9.86 -22.36
N GLN B 143 -6.03 -10.72 -22.84
CA GLN B 143 -5.75 -11.51 -24.02
C GLN B 143 -5.75 -10.69 -25.30
N HIS B 144 -6.57 -9.64 -25.32
CA HIS B 144 -6.63 -8.78 -26.50
C HIS B 144 -5.34 -7.97 -26.54
N ILE B 145 -4.98 -7.43 -25.38
CA ILE B 145 -3.78 -6.63 -25.24
C ILE B 145 -2.52 -7.43 -25.62
N CYS B 146 -2.52 -8.72 -25.30
CA CYS B 146 -1.40 -9.58 -25.65
C CYS B 146 -1.35 -9.78 -27.18
N ARG B 147 -2.51 -9.99 -27.80
CA ARG B 147 -2.58 -10.17 -29.26
C ARG B 147 -2.06 -8.92 -29.94
N HIS B 148 -2.33 -7.77 -29.31
CA HIS B 148 -1.91 -6.49 -29.83
C HIS B 148 -0.39 -6.40 -29.82
N ILE B 149 0.20 -6.49 -28.64
CA ILE B 149 1.65 -6.43 -28.46
C ILE B 149 2.36 -7.33 -29.44
N LEU B 150 1.92 -8.58 -29.52
CA LEU B 150 2.51 -9.56 -30.41
C LEU B 150 2.49 -9.04 -31.84
N TYR B 151 1.29 -8.71 -32.34
CA TYR B 151 1.12 -8.22 -33.71
C TYR B 151 1.92 -6.96 -33.98
N ALA B 152 1.80 -6.01 -33.07
CA ALA B 152 2.47 -4.74 -33.18
C ALA B 152 4.00 -4.86 -33.20
N THR B 153 4.53 -5.67 -32.28
CA THR B 153 5.98 -5.88 -32.17
C THR B 153 6.56 -6.51 -33.42
N ASN B 154 5.84 -7.49 -33.96
CA ASN B 154 6.23 -8.19 -35.18
C ASN B 154 7.72 -8.51 -35.28
N ASN B 155 8.30 -8.88 -34.14
CA ASN B 155 9.71 -9.26 -34.08
C ASN B 155 10.65 -8.10 -34.43
N GLY B 156 10.26 -6.88 -34.06
CA GLY B 156 11.09 -5.73 -34.35
C GLY B 156 10.57 -4.88 -35.49
N ASN B 157 9.94 -5.49 -36.48
CA ASN B 157 9.39 -4.76 -37.60
C ASN B 157 8.03 -4.20 -37.16
N ILE B 158 8.09 -3.28 -36.19
CA ILE B 158 6.91 -2.65 -35.59
C ILE B 158 5.79 -2.29 -36.57
N ARG B 159 4.56 -2.58 -36.18
CA ARG B 159 3.38 -2.28 -37.00
C ARG B 159 2.39 -1.46 -36.18
N SER B 160 1.84 -0.41 -36.79
CA SER B 160 0.90 0.46 -36.10
C SER B 160 -0.43 -0.23 -35.95
N ALA B 161 -0.93 -0.25 -34.71
CA ALA B 161 -2.21 -0.88 -34.42
C ALA B 161 -2.89 -0.24 -33.24
N ILE B 162 -4.20 -0.47 -33.14
CA ILE B 162 -4.99 0.07 -32.03
C ILE B 162 -6.03 -0.98 -31.66
N THR B 163 -6.37 -1.06 -30.38
CA THR B 163 -7.36 -2.01 -29.91
C THR B 163 -8.50 -1.28 -29.22
N VAL B 164 -9.65 -1.29 -29.88
CA VAL B 164 -10.84 -0.63 -29.38
C VAL B 164 -11.67 -1.53 -28.48
N PHE B 165 -11.75 -1.18 -27.20
CA PHE B 165 -12.54 -1.93 -26.24
C PHE B 165 -13.97 -1.33 -26.22
N PRO B 166 -14.92 -1.99 -25.52
CA PRO B 166 -16.29 -1.50 -25.46
C PRO B 166 -16.42 -0.02 -25.14
N GLN B 167 -17.20 0.68 -25.95
CA GLN B 167 -17.43 2.10 -25.78
C GLN B 167 -18.09 2.36 -24.43
N ARG B 168 -18.00 3.61 -23.97
CA ARG B 168 -18.62 4.00 -22.72
C ARG B 168 -20.13 3.99 -22.88
N SER B 169 -20.82 3.38 -21.92
CA SER B 169 -22.28 3.31 -21.96
C SER B 169 -22.94 4.35 -21.05
N ASP B 170 -23.00 4.04 -19.76
CA ASP B 170 -23.62 4.93 -18.78
C ASP B 170 -22.63 5.81 -18.00
N GLY B 171 -21.43 5.29 -17.79
CA GLY B 171 -20.41 6.03 -17.08
C GLY B 171 -19.81 5.21 -15.96
N LYS B 172 -20.62 4.35 -15.35
CA LYS B 172 -20.18 3.50 -14.26
C LYS B 172 -19.62 2.17 -14.75
N HIS B 173 -19.74 1.91 -16.04
CA HIS B 173 -19.25 0.65 -16.61
C HIS B 173 -18.13 0.81 -17.65
N ASP B 174 -17.13 1.61 -17.30
CA ASP B 174 -15.98 1.88 -18.16
C ASP B 174 -14.90 0.81 -18.22
N PHE B 175 -14.32 0.65 -19.40
CA PHE B 175 -13.21 -0.26 -19.62
C PHE B 175 -11.98 0.64 -19.59
N ARG B 176 -11.06 0.38 -18.66
CA ARG B 176 -9.86 1.21 -18.53
C ARG B 176 -8.57 0.46 -18.25
N LEU B 177 -7.52 0.87 -18.95
CA LEU B 177 -6.19 0.32 -18.74
C LEU B 177 -5.66 1.39 -17.80
N TRP B 178 -5.13 0.98 -16.66
CA TRP B 178 -4.62 1.95 -15.70
C TRP B 178 -3.19 2.37 -15.98
N ASN B 179 -2.56 1.72 -16.93
CA ASN B 179 -1.18 2.02 -17.30
C ASN B 179 -1.05 3.27 -18.16
N SER B 180 0.15 3.86 -18.14
CA SER B 180 0.46 5.04 -18.95
C SER B 180 0.47 4.54 -20.37
N GLN B 181 1.18 3.43 -20.54
CA GLN B 181 1.28 2.76 -21.81
C GLN B 181 1.45 1.27 -21.53
N LEU B 182 1.17 0.46 -22.55
CA LEU B 182 1.25 -0.98 -22.44
C LEU B 182 2.51 -1.44 -21.73
N ILE B 183 3.66 -1.23 -22.36
CA ILE B 183 4.94 -1.59 -21.75
C ILE B 183 5.52 -0.35 -21.10
N ARG B 184 6.05 -0.51 -19.89
CA ARG B 184 6.58 0.63 -19.15
C ARG B 184 7.36 0.10 -17.96
N TYR B 185 8.48 0.74 -17.65
CA TYR B 185 9.31 0.30 -16.53
C TYR B 185 8.84 0.81 -15.17
N ALA B 186 9.12 0.03 -14.14
CA ALA B 186 8.75 0.35 -12.77
C ALA B 186 9.75 1.29 -12.11
N GLY B 187 9.27 2.03 -11.13
CA GLY B 187 10.12 2.96 -10.40
C GLY B 187 9.83 2.88 -8.93
N TYR B 188 10.86 2.56 -8.13
CA TYR B 188 10.70 2.45 -6.68
C TYR B 188 11.64 3.45 -6.00
N GLN B 189 11.25 3.89 -4.81
CA GLN B 189 12.05 4.82 -4.02
C GLN B 189 12.89 4.02 -3.02
N MET B 190 14.12 3.69 -3.43
CA MET B 190 15.06 2.92 -2.61
C MET B 190 15.27 3.49 -1.20
N PRO B 191 15.66 2.62 -0.24
CA PRO B 191 15.91 2.99 1.16
C PRO B 191 16.98 4.08 1.31
N ASP B 192 18.04 3.98 0.53
CA ASP B 192 19.15 4.93 0.54
C ASP B 192 18.80 6.32 -0.04
N GLY B 193 17.52 6.69 0.00
CA GLY B 193 17.09 7.98 -0.50
C GLY B 193 16.96 8.07 -2.01
N THR B 194 17.72 7.27 -2.76
CA THR B 194 17.69 7.31 -4.22
C THR B 194 16.36 6.81 -4.82
N ILE B 195 16.36 6.64 -6.14
CA ILE B 195 15.19 6.18 -6.89
C ILE B 195 15.67 5.27 -8.02
N ARG B 196 15.10 4.06 -8.12
CA ARG B 196 15.48 3.12 -9.17
C ARG B 196 14.47 3.03 -10.30
N GLY B 197 14.95 2.71 -11.49
CA GLY B 197 14.09 2.58 -12.66
C GLY B 197 13.58 3.89 -13.22
N ASP B 198 12.34 3.87 -13.69
CA ASP B 198 11.70 5.03 -14.27
C ASP B 198 10.99 5.87 -13.20
N ALA B 199 11.59 6.99 -12.83
CA ALA B 199 11.03 7.87 -11.81
C ALA B 199 9.63 8.38 -12.17
N ALA B 200 9.28 8.30 -13.44
CA ALA B 200 7.97 8.77 -13.91
C ALA B 200 6.82 7.92 -13.38
N THR B 201 7.04 6.61 -13.31
CA THR B 201 6.01 5.67 -12.84
C THR B 201 6.12 5.33 -11.36
N LEU B 202 6.61 6.27 -10.55
CA LEU B 202 6.74 6.05 -9.11
C LEU B 202 5.42 5.80 -8.40
N GLU B 203 4.50 6.76 -8.51
CA GLU B 203 3.20 6.63 -7.85
C GLU B 203 2.42 5.40 -8.34
N PHE B 204 2.44 5.16 -9.64
CA PHE B 204 1.74 4.02 -10.22
C PHE B 204 2.35 2.69 -9.79
N THR B 205 3.66 2.66 -9.64
CA THR B 205 4.36 1.46 -9.20
C THR B 205 3.89 1.11 -7.80
N GLN B 206 3.79 2.11 -6.93
CA GLN B 206 3.33 1.88 -5.57
C GLN B 206 1.91 1.32 -5.59
N LEU B 207 1.11 1.76 -6.56
CA LEU B 207 -0.26 1.28 -6.68
C LEU B 207 -0.27 -0.22 -6.95
N CYS B 208 0.63 -0.66 -7.84
CA CYS B 208 0.75 -2.07 -8.19
C CYS B 208 1.16 -2.87 -6.95
N ILE B 209 2.11 -2.34 -6.18
CA ILE B 209 2.58 -2.99 -4.96
C ILE B 209 1.39 -3.21 -4.03
N ASP B 210 0.52 -2.20 -3.93
CA ASP B 210 -0.67 -2.23 -3.09
C ASP B 210 -1.66 -3.31 -3.55
N LEU B 211 -1.69 -3.57 -4.85
CA LEU B 211 -2.57 -4.58 -5.41
C LEU B 211 -1.86 -5.93 -5.47
N GLY B 212 -0.83 -6.07 -4.64
CA GLY B 212 -0.07 -7.31 -4.55
C GLY B 212 0.89 -7.66 -5.66
N TRP B 213 1.47 -6.66 -6.32
CA TRP B 213 2.43 -6.94 -7.38
C TRP B 213 3.77 -7.23 -6.73
N LYS B 214 4.49 -8.21 -7.28
CA LYS B 214 5.80 -8.61 -6.75
C LYS B 214 6.91 -7.73 -7.35
N PRO B 215 7.36 -6.71 -6.59
CA PRO B 215 8.42 -5.82 -7.06
C PRO B 215 9.80 -6.47 -7.17
N ARG B 216 10.29 -6.63 -8.39
CA ARG B 216 11.60 -7.25 -8.60
C ARG B 216 12.78 -6.29 -8.32
N TYR B 217 12.45 -5.05 -7.97
CA TYR B 217 13.43 -3.99 -7.67
C TYR B 217 14.63 -3.89 -8.62
N GLY B 218 14.45 -3.12 -9.68
CA GLY B 218 15.52 -2.94 -10.65
C GLY B 218 15.31 -1.69 -11.48
N ARG B 219 16.19 -1.47 -12.46
CA ARG B 219 16.10 -0.30 -13.31
C ARG B 219 15.09 -0.51 -14.42
N PHE B 220 15.07 -1.72 -14.97
CA PHE B 220 14.19 -2.02 -16.06
C PHE B 220 13.26 -3.20 -15.79
N ASP B 221 12.29 -2.98 -14.92
CA ASP B 221 11.30 -4.01 -14.57
C ASP B 221 9.98 -3.65 -15.23
N VAL B 222 9.58 -4.46 -16.21
CA VAL B 222 8.34 -4.22 -16.91
C VAL B 222 7.16 -4.23 -15.93
N LEU B 223 6.40 -3.14 -15.93
CA LEU B 223 5.24 -3.00 -15.05
C LEU B 223 4.12 -3.94 -15.46
N PRO B 224 3.24 -4.31 -14.51
CA PRO B 224 2.12 -5.21 -14.76
C PRO B 224 0.95 -4.47 -15.38
N LEU B 225 0.15 -5.20 -16.14
CA LEU B 225 -1.04 -4.62 -16.77
C LEU B 225 -2.13 -4.53 -15.71
N VAL B 226 -2.63 -3.33 -15.47
CA VAL B 226 -3.71 -3.14 -14.50
C VAL B 226 -4.93 -2.84 -15.37
N LEU B 227 -5.92 -3.72 -15.35
CA LEU B 227 -7.10 -3.54 -16.18
C LEU B 227 -8.44 -3.64 -15.49
N GLN B 228 -9.38 -2.78 -15.88
CA GLN B 228 -10.73 -2.84 -15.28
C GLN B 228 -11.78 -3.05 -16.38
N ALA B 229 -12.55 -4.09 -16.21
CA ALA B 229 -13.56 -4.40 -17.19
C ALA B 229 -14.93 -4.06 -16.66
N ASP B 230 -15.80 -3.49 -17.51
CA ASP B 230 -17.18 -3.17 -17.12
C ASP B 230 -17.36 -2.62 -15.68
N GLY B 231 -16.59 -1.59 -15.39
CA GLY B 231 -16.60 -0.88 -14.12
C GLY B 231 -15.98 -1.54 -12.90
N GLN B 232 -15.71 -2.85 -13.00
CA GLN B 232 -15.17 -3.68 -11.90
C GLN B 232 -13.84 -3.12 -11.41
N ASP B 233 -13.43 -3.54 -10.23
CA ASP B 233 -12.14 -3.10 -9.71
C ASP B 233 -11.03 -3.71 -10.58
N PRO B 234 -9.91 -3.01 -10.74
CA PRO B 234 -8.78 -3.49 -11.55
C PRO B 234 -8.07 -4.76 -11.14
N GLU B 235 -7.71 -5.55 -12.14
CA GLU B 235 -7.02 -6.84 -11.94
C GLU B 235 -5.63 -6.78 -12.53
N VAL B 236 -4.66 -7.17 -11.71
CA VAL B 236 -3.25 -7.17 -12.09
C VAL B 236 -2.87 -8.37 -12.95
N PHE B 237 -2.19 -8.10 -14.06
CA PHE B 237 -1.76 -9.16 -14.98
C PHE B 237 -0.29 -8.99 -15.34
N GLU B 238 0.51 -10.00 -15.03
CA GLU B 238 1.92 -9.99 -15.34
C GLU B 238 2.02 -10.14 -16.86
N ILE B 239 2.74 -9.25 -17.53
CA ILE B 239 2.88 -9.33 -18.98
C ILE B 239 3.88 -10.42 -19.37
N PRO B 240 3.44 -11.38 -20.20
CA PRO B 240 4.28 -12.48 -20.69
C PRO B 240 5.58 -11.96 -21.31
N PRO B 241 6.71 -12.11 -20.60
CA PRO B 241 8.04 -11.66 -21.03
C PRO B 241 8.43 -11.96 -22.47
N ASP B 242 7.97 -13.07 -23.02
CA ASP B 242 8.28 -13.43 -24.41
C ASP B 242 7.72 -12.42 -25.40
N LEU B 243 6.78 -11.58 -24.94
CA LEU B 243 6.14 -10.57 -25.78
C LEU B 243 6.80 -9.19 -25.71
N VAL B 244 7.55 -8.95 -24.64
CA VAL B 244 8.24 -7.68 -24.46
C VAL B 244 9.61 -7.69 -25.14
N LEU B 245 9.66 -7.13 -26.36
CA LEU B 245 10.90 -7.04 -27.11
C LEU B 245 11.66 -5.81 -26.65
N GLU B 246 12.92 -5.99 -26.28
CA GLU B 246 13.75 -4.89 -25.82
C GLU B 246 15.01 -4.72 -26.64
N VAL B 247 15.57 -3.52 -26.55
CA VAL B 247 16.79 -3.19 -27.27
C VAL B 247 17.82 -2.72 -26.26
N THR B 248 18.93 -3.45 -26.18
CA THR B 248 20.00 -3.08 -25.27
C THR B 248 20.85 -2.00 -25.94
N MET B 249 21.08 -0.92 -25.19
CA MET B 249 21.82 0.22 -25.69
C MET B 249 23.34 0.05 -25.80
N GLU B 250 23.87 0.43 -26.96
CA GLU B 250 25.31 0.37 -27.22
C GLU B 250 25.75 1.33 -28.34
N HIS B 251 26.79 2.09 -28.05
CA HIS B 251 27.37 3.07 -28.97
C HIS B 251 28.26 2.39 -30.01
N PRO B 252 28.19 2.82 -31.29
CA PRO B 252 28.98 2.27 -32.40
C PRO B 252 30.45 2.63 -32.33
N LYS B 253 30.84 3.44 -31.34
CA LYS B 253 32.23 3.85 -31.18
C LYS B 253 32.67 3.75 -29.73
N TYR B 254 31.80 4.16 -28.80
CA TYR B 254 32.11 4.12 -27.38
C TYR B 254 31.70 2.78 -26.79
N GLU B 255 32.66 1.85 -26.72
CA GLU B 255 32.40 0.51 -26.19
C GLU B 255 31.97 0.47 -24.73
N TRP B 256 32.28 1.54 -24.01
CA TRP B 256 31.91 1.65 -22.60
C TRP B 256 30.44 1.95 -22.44
N PHE B 257 29.77 2.33 -23.52
CA PHE B 257 28.36 2.66 -23.47
C PHE B 257 27.58 1.43 -23.03
N GLN B 258 27.91 0.28 -23.61
CA GLN B 258 27.25 -0.96 -23.27
C GLN B 258 27.34 -1.24 -21.76
N GLU B 259 28.47 -0.88 -21.16
CA GLU B 259 28.69 -1.07 -19.73
C GLU B 259 27.69 -0.32 -18.86
N LEU B 260 27.00 0.66 -19.43
CA LEU B 260 26.00 1.43 -18.69
C LEU B 260 24.79 0.56 -18.35
N GLY B 261 24.64 -0.53 -19.12
CA GLY B 261 23.55 -1.46 -18.91
C GLY B 261 22.18 -0.87 -19.18
N LEU B 262 22.08 -0.10 -20.25
CA LEU B 262 20.83 0.53 -20.62
C LEU B 262 20.12 -0.27 -21.69
N LYS B 263 18.80 -0.17 -21.67
CA LYS B 263 17.94 -0.83 -22.64
C LYS B 263 16.57 -0.16 -22.60
N TRP B 264 15.77 -0.42 -23.63
CA TRP B 264 14.43 0.15 -23.68
C TRP B 264 13.52 -0.71 -24.54
N TYR B 265 12.22 -0.66 -24.23
CA TYR B 265 11.21 -1.42 -24.98
C TYR B 265 11.01 -0.84 -26.37
N ALA B 266 10.82 -1.73 -27.34
CA ALA B 266 10.61 -1.34 -28.73
C ALA B 266 9.20 -0.84 -29.02
N LEU B 267 8.26 -1.13 -28.12
CA LEU B 267 6.88 -0.72 -28.37
C LEU B 267 6.33 0.43 -27.56
N PRO B 268 6.06 1.57 -28.25
CA PRO B 268 5.51 2.77 -27.62
C PRO B 268 4.00 2.62 -27.79
N ALA B 269 3.34 2.03 -26.80
CA ALA B 269 1.91 1.82 -26.92
C ALA B 269 1.15 2.61 -25.86
N VAL B 270 0.61 3.77 -26.26
CA VAL B 270 -0.17 4.63 -25.36
C VAL B 270 -1.45 3.88 -24.99
N ALA B 271 -1.67 3.69 -23.69
CA ALA B 271 -2.80 2.94 -23.20
C ALA B 271 -3.92 3.68 -22.47
N ASN B 272 -3.63 4.87 -21.97
CA ASN B 272 -4.62 5.63 -21.21
C ASN B 272 -5.44 6.71 -21.96
N MET B 273 -5.52 6.63 -23.28
CA MET B 273 -6.28 7.65 -24.00
C MET B 273 -7.68 7.25 -24.44
N LEU B 274 -8.58 8.23 -24.38
CA LEU B 274 -9.97 8.03 -24.76
C LEU B 274 -10.15 8.44 -26.19
N LEU B 275 -10.82 7.60 -26.96
CA LEU B 275 -11.11 7.91 -28.36
C LEU B 275 -12.55 8.39 -28.45
N GLU B 276 -12.73 9.63 -28.90
CA GLU B 276 -14.05 10.19 -29.08
C GLU B 276 -14.37 10.14 -30.58
N VAL B 277 -15.58 9.73 -30.90
CA VAL B 277 -16.01 9.64 -32.29
C VAL B 277 -17.53 9.72 -32.39
N GLY B 278 -18.03 10.63 -33.22
CA GLY B 278 -19.47 10.79 -33.40
C GLY B 278 -20.27 10.88 -32.12
N GLY B 279 -19.72 11.52 -31.10
CA GLY B 279 -20.43 11.66 -29.85
C GLY B 279 -20.10 10.61 -28.80
N LEU B 280 -20.04 9.34 -29.22
CA LEU B 280 -19.72 8.26 -28.28
C LEU B 280 -18.21 8.19 -28.02
N GLU B 281 -17.85 7.66 -26.86
CA GLU B 281 -16.45 7.60 -26.46
C GLU B 281 -15.95 6.25 -25.96
N PHE B 282 -14.69 5.96 -26.27
CA PHE B 282 -14.04 4.71 -25.90
C PHE B 282 -12.86 5.00 -24.96
N PRO B 283 -13.08 4.87 -23.64
CA PRO B 283 -12.04 5.12 -22.62
C PRO B 283 -10.88 4.11 -22.61
N ALA B 284 -11.05 2.99 -23.31
CA ALA B 284 -10.01 1.98 -23.40
C ALA B 284 -9.72 1.64 -24.86
N CYS B 285 -8.58 2.10 -25.35
CA CYS B 285 -8.20 1.83 -26.74
C CYS B 285 -6.72 2.12 -26.95
N PRO B 286 -5.85 1.24 -26.42
CA PRO B 286 -4.41 1.42 -26.59
C PRO B 286 -4.02 1.34 -28.05
N PHE B 287 -3.06 2.18 -28.44
CA PHE B 287 -2.59 2.21 -29.82
C PHE B 287 -1.09 2.36 -29.80
N ASN B 288 -0.48 2.16 -30.97
CA ASN B 288 0.96 2.29 -31.06
C ASN B 288 1.45 2.44 -32.48
N GLY B 289 2.56 3.14 -32.59
CA GLY B 289 3.22 3.33 -33.86
C GLY B 289 4.62 2.88 -33.46
N TRP B 290 5.63 3.53 -34.02
CA TRP B 290 6.99 3.20 -33.64
C TRP B 290 7.65 4.42 -33.05
N TYR B 291 8.78 4.20 -32.39
CA TYR B 291 9.54 5.25 -31.72
C TYR B 291 10.29 6.22 -32.62
N MET B 292 10.65 7.36 -32.01
CA MET B 292 11.45 8.38 -32.65
C MET B 292 12.58 8.52 -31.64
N GLY B 293 13.81 8.27 -32.10
CA GLY B 293 14.98 8.30 -31.25
C GLY B 293 14.97 9.21 -30.04
N THR B 294 14.72 10.49 -30.29
CA THR B 294 14.70 11.50 -29.23
C THR B 294 13.78 11.16 -28.06
N GLU B 295 12.77 10.33 -28.30
CA GLU B 295 11.83 9.92 -27.27
C GLU B 295 12.57 9.16 -26.19
N ILE B 296 13.37 8.18 -26.61
CA ILE B 296 14.16 7.37 -25.68
C ILE B 296 15.45 8.08 -25.27
N GLY B 297 16.27 8.42 -26.27
CA GLY B 297 17.54 9.06 -26.00
C GLY B 297 17.53 10.39 -25.29
N VAL B 298 16.60 11.27 -25.67
CA VAL B 298 16.54 12.58 -25.06
C VAL B 298 15.62 12.62 -23.84
N ARG B 299 14.35 12.30 -24.06
CA ARG B 299 13.36 12.35 -22.99
C ARG B 299 13.50 11.33 -21.86
N ASP B 300 13.25 10.06 -22.18
CA ASP B 300 13.31 8.99 -21.21
C ASP B 300 14.66 8.87 -20.46
N PHE B 301 15.76 8.90 -21.20
CA PHE B 301 17.09 8.79 -20.61
C PHE B 301 17.66 10.05 -19.94
N CYS B 302 17.56 11.19 -20.62
CA CYS B 302 18.13 12.43 -20.10
C CYS B 302 17.29 13.37 -19.24
N ASP B 303 15.97 13.22 -19.24
CA ASP B 303 15.14 14.08 -18.39
C ASP B 303 15.55 13.93 -16.93
N THR B 304 15.68 15.03 -16.21
CA THR B 304 16.06 14.93 -14.79
C THR B 304 14.98 14.19 -14.01
N GLN B 305 13.75 14.19 -14.52
CA GLN B 305 12.62 13.53 -13.87
C GLN B 305 12.45 12.06 -14.29
N ARG B 306 13.34 11.59 -15.16
CA ARG B 306 13.30 10.21 -15.62
C ARG B 306 14.64 9.58 -15.26
N TYR B 307 15.20 8.77 -16.17
CA TYR B 307 16.46 8.08 -15.91
C TYR B 307 17.66 8.94 -15.55
N ASN B 308 17.65 10.21 -15.98
CA ASN B 308 18.73 11.16 -15.66
C ASN B 308 20.14 10.58 -15.80
N ILE B 309 20.46 10.11 -17.01
CA ILE B 309 21.77 9.51 -17.27
C ILE B 309 22.73 10.48 -17.98
N LEU B 310 22.36 11.76 -18.01
CA LEU B 310 23.16 12.77 -18.71
C LEU B 310 24.56 12.98 -18.12
N GLU B 311 24.63 13.29 -16.84
CA GLU B 311 25.92 13.52 -16.17
C GLU B 311 26.83 12.30 -16.25
N GLU B 312 26.26 11.12 -16.01
CA GLU B 312 27.01 9.87 -16.06
C GLU B 312 27.65 9.65 -17.43
N VAL B 313 26.90 9.96 -18.49
CA VAL B 313 27.40 9.81 -19.86
C VAL B 313 28.44 10.89 -20.19
N GLY B 314 28.25 12.07 -19.62
CA GLY B 314 29.18 13.17 -19.85
C GLY B 314 30.48 12.96 -19.09
N ARG B 315 30.38 12.26 -17.97
CA ARG B 315 31.52 11.95 -17.11
C ARG B 315 32.46 11.00 -17.86
N ARG B 316 31.88 9.96 -18.44
CA ARG B 316 32.62 8.95 -19.18
C ARG B 316 33.08 9.39 -20.58
N MET B 317 32.75 10.62 -20.95
CA MET B 317 33.17 11.16 -22.24
C MET B 317 34.34 12.11 -21.98
N GLY B 318 34.65 12.30 -20.70
CA GLY B 318 35.73 13.17 -20.28
C GLY B 318 35.44 14.66 -20.47
N LEU B 319 34.17 14.98 -20.65
CA LEU B 319 33.74 16.35 -20.86
C LEU B 319 33.70 17.15 -19.56
N GLU B 320 33.78 18.48 -19.69
CA GLU B 320 33.77 19.41 -18.57
C GLU B 320 32.40 19.51 -17.90
N THR B 321 32.05 18.44 -17.20
CA THR B 321 30.77 18.31 -16.51
C THR B 321 30.35 19.45 -15.59
N HIS B 322 31.32 20.12 -14.97
CA HIS B 322 31.02 21.20 -14.03
C HIS B 322 30.93 22.60 -14.63
N THR B 323 31.09 22.68 -15.94
CA THR B 323 31.01 23.96 -16.63
C THR B 323 29.93 23.89 -17.69
N LEU B 324 28.83 24.60 -17.47
CA LEU B 324 27.71 24.63 -18.40
C LEU B 324 28.10 25.10 -19.81
N ALA B 325 28.80 26.23 -19.86
CA ALA B 325 29.23 26.85 -21.11
C ALA B 325 29.97 25.93 -22.08
N SER B 326 30.59 24.88 -21.56
CA SER B 326 31.35 23.96 -22.41
C SER B 326 30.46 23.27 -23.43
N LEU B 327 29.14 23.28 -23.17
CA LEU B 327 28.14 22.64 -24.03
C LEU B 327 28.25 21.11 -24.04
N TRP B 328 28.74 20.57 -22.92
CA TRP B 328 28.93 19.13 -22.78
C TRP B 328 27.60 18.39 -22.89
N LYS B 329 26.55 18.98 -22.34
CA LYS B 329 25.23 18.36 -22.38
C LYS B 329 24.78 18.11 -23.83
N ASP B 330 25.07 19.04 -24.73
CA ASP B 330 24.70 18.90 -26.13
C ASP B 330 25.60 17.84 -26.75
N ARG B 331 26.80 17.73 -26.21
CA ARG B 331 27.76 16.75 -26.73
C ARG B 331 27.29 15.35 -26.34
N ALA B 332 27.00 15.19 -25.05
CA ALA B 332 26.54 13.92 -24.48
C ALA B 332 25.28 13.41 -25.14
N VAL B 333 24.20 14.16 -24.98
CA VAL B 333 22.91 13.79 -25.53
C VAL B 333 22.96 13.36 -27.00
N THR B 334 23.82 13.98 -27.80
CA THR B 334 23.93 13.62 -29.21
C THR B 334 24.41 12.17 -29.34
N GLU B 335 25.35 11.80 -28.48
CA GLU B 335 25.89 10.45 -28.50
C GLU B 335 24.87 9.45 -27.99
N ILE B 336 24.11 9.85 -26.98
CA ILE B 336 23.06 8.99 -26.43
C ILE B 336 22.00 8.76 -27.52
N ASN B 337 21.83 9.74 -28.39
CA ASN B 337 20.88 9.65 -29.48
C ASN B 337 21.36 8.73 -30.58
N VAL B 338 22.64 8.84 -30.97
CA VAL B 338 23.18 7.99 -32.02
C VAL B 338 23.26 6.55 -31.54
N ALA B 339 23.38 6.37 -30.22
CA ALA B 339 23.44 5.05 -29.59
C ALA B 339 22.08 4.39 -29.81
N VAL B 340 21.03 5.08 -29.39
CA VAL B 340 19.66 4.60 -29.53
C VAL B 340 19.34 4.24 -30.99
N LEU B 341 19.70 5.13 -31.91
CA LEU B 341 19.46 4.88 -33.34
C LEU B 341 20.23 3.68 -33.86
N HIS B 342 21.48 3.57 -33.44
CA HIS B 342 22.35 2.49 -33.85
C HIS B 342 21.88 1.16 -33.27
N SER B 343 21.58 1.15 -31.97
CA SER B 343 21.10 -0.05 -31.28
C SER B 343 19.88 -0.65 -31.95
N PHE B 344 18.85 0.17 -32.17
CA PHE B 344 17.63 -0.29 -32.83
C PHE B 344 17.95 -0.75 -34.25
N GLN B 345 18.83 0.00 -34.92
CA GLN B 345 19.25 -0.28 -36.30
C GLN B 345 19.87 -1.67 -36.40
N LYS B 346 20.80 -1.92 -35.49
CA LYS B 346 21.55 -3.16 -35.39
C LYS B 346 20.62 -4.33 -35.08
N GLN B 347 19.88 -4.20 -33.99
CA GLN B 347 18.95 -5.23 -33.55
C GLN B 347 17.67 -5.32 -34.39
N ASN B 348 17.74 -4.77 -35.60
CA ASN B 348 16.63 -4.76 -36.57
C ASN B 348 15.24 -4.44 -36.03
N VAL B 349 15.18 -3.36 -35.25
CA VAL B 349 13.94 -2.89 -34.66
C VAL B 349 13.67 -1.48 -35.18
N THR B 350 12.52 -1.30 -35.81
CA THR B 350 12.09 -0.03 -36.39
C THR B 350 12.18 1.18 -35.45
N ILE B 351 12.75 2.26 -35.98
CA ILE B 351 12.87 3.52 -35.25
C ILE B 351 13.17 4.61 -36.28
N MET B 352 12.68 5.82 -36.01
CA MET B 352 12.86 6.95 -36.91
C MET B 352 13.56 8.08 -36.15
N ASP B 353 14.55 8.70 -36.79
CA ASP B 353 15.26 9.81 -36.15
C ASP B 353 14.42 11.07 -36.33
N HIS B 354 14.61 12.05 -35.44
CA HIS B 354 13.85 13.28 -35.48
C HIS B 354 13.92 14.11 -36.75
N HIS B 355 15.04 14.03 -37.47
CA HIS B 355 15.18 14.78 -38.72
C HIS B 355 14.28 14.21 -39.80
N THR B 356 14.44 12.92 -40.07
CA THR B 356 13.64 12.25 -41.08
C THR B 356 12.18 12.33 -40.67
N ALA B 357 11.93 12.24 -39.37
CA ALA B 357 10.58 12.30 -38.83
C ALA B 357 9.95 13.64 -39.19
N SER B 358 10.72 14.70 -38.99
CA SER B 358 10.30 16.06 -39.27
C SER B 358 10.07 16.31 -40.77
N GLU B 359 11.02 15.89 -41.59
CA GLU B 359 10.91 16.07 -43.04
C GLU B 359 9.65 15.43 -43.55
N SER B 360 9.39 14.22 -43.05
CA SER B 360 8.22 13.45 -43.44
C SER B 360 6.93 14.13 -42.97
N PHE B 361 6.94 14.72 -41.77
CA PHE B 361 5.75 15.40 -41.27
C PHE B 361 5.45 16.62 -42.14
N MET B 362 6.50 17.31 -42.60
CA MET B 362 6.34 18.48 -43.45
C MET B 362 5.67 18.06 -44.74
N LYS B 363 6.10 16.93 -45.30
CA LYS B 363 5.52 16.40 -46.54
C LYS B 363 4.07 16.04 -46.27
N HIS B 364 3.80 15.53 -45.08
CA HIS B 364 2.45 15.16 -44.69
C HIS B 364 1.55 16.39 -44.67
N MET B 365 2.00 17.43 -43.96
CA MET B 365 1.26 18.69 -43.83
C MET B 365 0.87 19.31 -45.17
N GLN B 366 1.79 19.30 -46.13
CA GLN B 366 1.52 19.86 -47.45
C GLN B 366 0.42 19.06 -48.13
N ASN B 367 0.49 17.72 -48.03
CA ASN B 367 -0.53 16.84 -48.62
C ASN B 367 -1.85 17.18 -47.96
N GLU B 368 -1.76 17.43 -46.65
CA GLU B 368 -2.90 17.74 -45.81
C GLU B 368 -3.62 19.06 -46.14
N TYR B 369 -2.86 20.08 -46.53
CA TYR B 369 -3.47 21.36 -46.90
C TYR B 369 -4.09 21.29 -48.28
N ARG B 370 -3.47 20.54 -49.18
CA ARG B 370 -3.98 20.38 -50.54
C ARG B 370 -5.22 19.49 -50.51
N ALA B 371 -5.24 18.54 -49.57
CA ALA B 371 -6.35 17.61 -49.42
C ALA B 371 -7.58 18.21 -48.77
N ARG B 372 -7.46 18.63 -47.51
CA ARG B 372 -8.61 19.22 -46.81
C ARG B 372 -8.40 20.63 -46.27
N GLY B 373 -7.37 21.30 -46.77
CA GLY B 373 -7.09 22.67 -46.36
C GLY B 373 -6.76 22.85 -44.90
N GLY B 374 -5.93 21.97 -44.35
CA GLY B 374 -5.57 22.11 -42.96
C GLY B 374 -4.94 20.88 -42.35
N CYS B 375 -4.39 21.08 -41.15
CA CYS B 375 -3.75 20.01 -40.42
C CYS B 375 -3.47 20.52 -39.01
N PRO B 376 -4.31 20.14 -38.04
CA PRO B 376 -4.12 20.58 -36.66
C PRO B 376 -2.74 20.15 -36.20
N ALA B 377 -1.92 21.12 -35.79
CA ALA B 377 -0.56 20.82 -35.34
C ALA B 377 -0.13 21.61 -34.10
N ASP B 378 0.42 20.88 -33.14
CA ASP B 378 0.90 21.48 -31.91
C ASP B 378 2.40 21.65 -32.04
N TRP B 379 2.80 22.85 -32.46
CA TRP B 379 4.20 23.16 -32.65
C TRP B 379 5.06 22.72 -31.46
N ILE B 380 4.62 23.08 -30.25
CA ILE B 380 5.34 22.74 -29.03
C ILE B 380 5.69 21.25 -28.88
N TRP B 381 4.82 20.39 -29.39
CA TRP B 381 5.06 18.95 -29.33
C TRP B 381 5.74 18.41 -30.58
N LEU B 382 5.34 18.94 -31.73
CA LEU B 382 5.88 18.49 -33.00
C LEU B 382 7.35 18.79 -33.20
N VAL B 383 7.87 19.81 -32.50
CA VAL B 383 9.28 20.15 -32.62
C VAL B 383 10.09 19.28 -31.67
N PRO B 384 10.96 18.41 -32.23
CA PRO B 384 11.82 17.49 -31.48
C PRO B 384 12.46 18.19 -30.29
N PRO B 385 12.64 17.47 -29.17
CA PRO B 385 13.23 17.99 -27.93
C PRO B 385 14.71 18.33 -28.07
N VAL B 386 15.20 18.25 -29.30
CA VAL B 386 16.60 18.53 -29.56
C VAL B 386 16.77 18.92 -31.03
N SER B 387 17.61 19.92 -31.26
CA SER B 387 17.93 20.42 -32.59
C SER B 387 16.71 21.00 -33.30
N GLY B 388 15.95 21.77 -32.52
CA GLY B 388 14.73 22.41 -33.02
C GLY B 388 14.84 23.05 -34.39
N SER B 389 15.54 24.18 -34.47
CA SER B 389 15.69 24.92 -35.73
C SER B 389 16.42 24.21 -36.87
N ILE B 390 17.10 23.11 -36.56
CA ILE B 390 17.80 22.32 -37.59
C ILE B 390 16.72 21.47 -38.27
N THR B 391 15.56 21.44 -37.60
CA THR B 391 14.38 20.70 -38.03
C THR B 391 13.41 21.64 -38.77
N PRO B 392 12.88 21.20 -39.93
CA PRO B 392 11.94 21.97 -40.76
C PRO B 392 10.70 22.46 -40.01
N VAL B 393 10.12 21.58 -39.19
CA VAL B 393 8.91 21.90 -38.43
C VAL B 393 9.04 23.14 -37.56
N PHE B 394 10.24 23.45 -37.11
CA PHE B 394 10.48 24.62 -36.27
C PHE B 394 10.17 25.91 -37.01
N HIS B 395 10.47 25.93 -38.31
CA HIS B 395 10.25 27.10 -39.16
C HIS B 395 8.86 27.15 -39.78
N GLN B 396 8.00 26.23 -39.37
CA GLN B 396 6.65 26.18 -39.90
C GLN B 396 5.63 26.67 -38.90
N GLU B 397 4.91 27.72 -39.26
CA GLU B 397 3.86 28.23 -38.39
C GLU B 397 2.74 27.21 -38.52
N MET B 398 2.13 26.86 -37.39
CA MET B 398 1.06 25.88 -37.44
C MET B 398 -0.07 26.21 -36.49
N LEU B 399 -1.26 25.77 -36.87
CA LEU B 399 -2.47 25.99 -36.09
C LEU B 399 -2.86 24.73 -35.35
N ASN B 400 -3.17 24.91 -34.07
CA ASN B 400 -3.56 23.83 -33.17
C ASN B 400 -5.05 23.90 -32.84
N TYR B 401 -5.78 22.84 -33.14
CA TYR B 401 -7.22 22.78 -32.86
C TYR B 401 -7.76 21.35 -32.69
N VAL B 402 -8.84 21.22 -31.93
CA VAL B 402 -9.47 19.93 -31.66
C VAL B 402 -10.61 19.58 -32.63
N LEU B 403 -10.37 18.59 -33.49
CA LEU B 403 -11.37 18.13 -34.45
C LEU B 403 -12.06 16.89 -33.89
N SER B 404 -12.74 16.16 -34.76
CA SER B 404 -13.43 14.94 -34.36
C SER B 404 -13.50 13.99 -35.56
N PRO B 405 -13.22 12.69 -35.35
CA PRO B 405 -12.80 12.03 -34.10
C PRO B 405 -11.49 12.53 -33.48
N PHE B 406 -11.26 12.20 -32.21
CA PHE B 406 -10.06 12.69 -31.53
C PHE B 406 -9.61 11.83 -30.34
N TYR B 407 -8.29 11.83 -30.08
CA TYR B 407 -7.73 11.09 -28.96
C TYR B 407 -7.52 12.03 -27.77
N TYR B 408 -8.40 11.93 -26.79
CA TYR B 408 -8.35 12.75 -25.58
C TYR B 408 -7.62 12.10 -24.43
N TYR B 409 -7.09 12.93 -23.54
CA TYR B 409 -6.45 12.43 -22.33
C TYR B 409 -7.65 12.17 -21.42
N GLN B 410 -7.41 11.50 -20.30
CA GLN B 410 -8.48 11.28 -19.32
C GLN B 410 -7.89 11.25 -17.93
N ILE B 411 -8.73 11.61 -16.95
CA ILE B 411 -8.32 11.67 -15.55
C ILE B 411 -7.83 10.32 -15.07
N GLU B 412 -6.70 10.32 -14.35
CA GLU B 412 -6.12 9.08 -13.83
C GLU B 412 -7.22 8.33 -13.08
N PRO B 413 -7.54 7.12 -13.55
CA PRO B 413 -8.57 6.24 -12.99
C PRO B 413 -8.56 6.08 -11.46
N TRP B 414 -7.40 5.93 -10.86
CA TRP B 414 -7.32 5.76 -9.41
C TRP B 414 -7.87 6.93 -8.59
N LYS B 415 -7.91 8.11 -9.21
CA LYS B 415 -8.43 9.30 -8.52
C LYS B 415 -9.96 9.33 -8.51
N THR B 416 -10.57 8.70 -9.50
CA THR B 416 -12.02 8.65 -9.63
C THR B 416 -12.49 7.22 -9.85
N HIS B 417 -12.59 6.46 -8.77
CA HIS B 417 -13.02 5.07 -8.86
C HIS B 417 -13.64 4.52 -7.58
N ILE B 418 -14.84 3.96 -7.73
CA ILE B 418 -15.60 3.37 -6.64
C ILE B 418 -15.12 1.92 -6.44
N TRP B 419 -14.60 1.64 -5.25
CA TRP B 419 -14.11 0.29 -4.93
C TRP B 419 -15.20 -0.63 -4.36
N GLN B 420 -14.85 -1.90 -4.10
CA GLN B 420 -15.79 -2.89 -3.57
C GLN B 420 -16.48 -2.48 -2.28
CHA HEM C . 1.06 -11.70 29.56
CHB HEM C . 4.78 -10.84 32.47
CHC HEM C . 2.44 -7.08 34.25
CHD HEM C . -1.47 -8.26 31.70
C1A HEM C . 2.32 -11.69 30.12
C2A HEM C . 3.42 -12.56 29.71
C3A HEM C . 4.44 -12.36 30.58
C4A HEM C . 3.99 -11.36 31.48
CMA HEM C . 5.77 -13.11 30.65
CAA HEM C . 3.46 -13.43 28.50
CBA HEM C . 3.80 -12.51 27.35
CGA HEM C . 3.87 -13.24 26.03
O1A HEM C . 3.30 -12.73 25.03
O2A HEM C . 4.49 -14.32 25.99
C1B HEM C . 4.44 -9.79 33.27
C2B HEM C . 5.31 -9.24 34.28
C3B HEM C . 4.69 -8.14 34.79
C4B HEM C . 3.40 -8.05 34.07
CMB HEM C . 6.68 -9.84 34.65
CAB HEM C . 5.22 -7.35 35.81
CBB HEM C . 4.64 -6.28 36.47
C1C HEM C . 1.20 -7.03 33.66
C2C HEM C . 0.26 -5.94 33.87
C3C HEM C . -0.88 -6.30 33.14
C4C HEM C . -0.60 -7.58 32.52
CMC HEM C . 0.56 -4.70 34.74
CAC HEM C . -2.06 -5.60 32.94
CBC HEM C . -2.53 -4.56 33.74
C1D HEM C . -1.20 -9.42 30.98
C2D HEM C . -2.07 -9.99 29.96
C3D HEM C . -1.33 -10.90 29.32
C4D HEM C . -0.02 -10.94 29.96
CMD HEM C . -3.50 -9.66 29.63
CAD HEM C . -1.79 -11.63 28.11
CBD HEM C . -1.07 -11.21 26.85
CGD HEM C . -1.59 -11.91 25.62
O1D HEM C . -1.03 -11.70 24.50
O2D HEM C . -2.55 -12.67 25.77
NA HEM C . 2.70 -10.95 31.19
NB HEM C . 3.26 -9.08 33.17
NC HEM C . 0.69 -8.01 32.82
ND HEM C . 0.04 -10.04 30.98
FE HEM C . 1.51 -9.80 32.38
N1 H4B D . 3.18 -18.97 26.12
C2 H4B D . 3.55 -17.68 26.17
N2 H4B D . 3.88 -17.14 27.32
N3 H4B D . 3.56 -16.92 25.06
C4 H4B D . 3.19 -17.42 23.90
O4 H4B D . 3.18 -16.74 22.87
C4A H4B D . 2.79 -18.77 23.79
C8A H4B D . 2.84 -19.55 24.98
N5 H4B D . 2.38 -19.31 22.65
N8 H4B D . 2.52 -20.85 24.95
C6 H4B D . 1.95 -20.69 22.62
C7 H4B D . 2.33 -21.51 23.76
C9 H4B D . 1.58 -21.18 21.22
O9 H4B D . 2.76 -21.32 20.43
C10 H4B D . 0.79 -22.50 21.18
C11 H4B D . 0.45 -22.88 19.75
O10 H4B D . -0.43 -22.34 21.93
S SO4 E . -13.55 -12.59 43.82
O1 SO4 E . -13.05 -12.49 45.22
O2 SO4 E . -12.67 -13.48 43.01
O3 SO4 E . -14.93 -13.17 43.83
O4 SO4 E . -13.58 -11.25 43.16
N HAR F . 6.05 -11.07 24.87
CA HAR F . 5.95 -9.74 24.29
C HAR F . 7.29 -9.29 23.70
O HAR F . 7.28 -8.41 22.81
CB HAR F . 5.49 -8.74 25.36
CG HAR F . 4.13 -9.07 25.96
CD HAR F . 3.91 -8.32 27.28
NE HAR F . 4.95 -8.64 28.25
CZ HAR F . 4.94 -8.27 29.53
NH1 HAR F . 3.90 -7.57 30.01
NH2 HAR F . 5.93 -8.60 30.34
OH1 HAR F . 4.01 -6.95 31.18
OXT HAR F . 8.33 -9.82 24.14
CHA HEM G . 2.40 11.32 -29.93
CHB HEM G . 5.43 9.46 -33.18
CHC HEM G . 1.97 6.52 -34.60
CHD HEM G . -1.25 8.84 -31.82
C1A HEM G . 3.56 10.95 -30.61
C2A HEM G . 4.87 11.43 -30.29
C3A HEM G . 5.70 10.97 -31.23
C4A HEM G . 4.92 10.16 -32.11
CMA HEM G . 7.19 11.25 -31.38
CAA HEM G . 5.23 12.25 -29.08
CBA HEM G . 5.39 11.26 -27.95
CGA HEM G . 5.62 11.92 -26.61
O1A HEM G . 5.02 11.45 -25.62
O2A HEM G . 6.39 12.90 -26.56
C1B HEM G . 4.71 8.57 -33.97
C2B HEM G . 5.33 7.75 -34.95
C3B HEM G . 4.38 6.87 -35.36
C4B HEM G . 3.18 7.20 -34.60
CMB HEM G . 6.75 7.93 -35.43
CAB HEM G . 4.61 5.86 -36.29
CBB HEM G . 3.69 5.39 -37.23
C1C HEM G . 0.82 6.82 -33.89
C2C HEM G . -0.43 6.05 -33.94
C3C HEM G . -1.37 6.74 -33.21
C4C HEM G . -0.68 7.92 -32.69
CMC HEM G . -0.52 4.71 -34.63
CAC HEM G . -2.71 6.44 -32.92
CBC HEM G . -3.60 5.72 -33.73
C1D HEM G . -0.55 9.85 -31.17
C2D HEM G . -1.12 10.63 -30.09
C3D HEM G . -0.10 11.25 -29.50
C4D HEM G . 1.10 10.91 -30.24
CMD HEM G . -2.58 10.82 -29.75
CAD HEM G . -0.24 12.07 -28.23
CBD HEM G . 0.36 11.45 -26.99
CGD HEM G . 0.20 12.32 -25.75
O1D HEM G . 0.65 11.91 -24.65
O2D HEM G . -0.37 13.42 -25.88
NA HEM G . 3.59 10.16 -31.71
NB HEM G . 3.40 8.26 -33.78
NC HEM G . 0.66 7.93 -33.10
ND HEM G . 0.79 10.06 -31.27
FE HEM G . 2.04 9.33 -32.71
N1 H4B H . 6.74 17.85 -26.70
C2 H4B H . 6.68 16.51 -26.76
N2 H4B H . 6.74 15.91 -27.94
N3 H4B H . 6.57 15.76 -25.66
C4 H4B H . 6.51 16.33 -24.45
O4 H4B H . 6.46 15.67 -23.41
C4A H4B H . 6.50 17.74 -24.34
C8A H4B H . 6.73 18.47 -25.52
N5 H4B H . 6.30 18.35 -23.18
N8 H4B H . 6.94 19.80 -25.46
C6 H4B H . 6.28 19.79 -23.13
C7 H4B H . 6.92 20.46 -24.25
C9 H4B H . 6.31 20.32 -21.71
O9 H4B H . 7.62 20.17 -21.15
C10 H4B H . 5.90 21.80 -21.64
C11 H4B H . 5.90 22.30 -20.19
O10 H4B H . 4.58 21.94 -22.21
N HAR I . 7.25 9.28 -25.65
CA HAR I . 6.86 8.01 -25.05
C HAR I . 8.06 7.20 -24.59
O HAR I . 7.87 6.30 -23.75
CB HAR I . 6.05 7.19 -26.06
CG HAR I . 4.78 7.88 -26.54
CD HAR I . 4.25 7.26 -27.82
NE HAR I . 5.26 7.35 -28.86
CZ HAR I . 5.06 7.05 -30.16
NH1 HAR I . 3.85 6.66 -30.56
NH2 HAR I . 6.06 7.15 -31.03
OH1 HAR I . 3.71 6.02 -31.70
OXT HAR I . 9.18 7.46 -25.06
#